data_7XZK
#
_entry.id   7XZK
#
_cell.length_a   58.966
_cell.length_b   145.581
_cell.length_c   63.133
_cell.angle_alpha   90.000
_cell.angle_beta   97.030
_cell.angle_gamma   90.000
#
_symmetry.space_group_name_H-M   'P 1 21 1'
#
loop_
_entity.id
_entity.type
_entity.pdbx_description
1 polymer 'Bifunctional cytochrome P450/NADPH--P450 reductase'
2 non-polymer 'PROTOPORPHYRIN IX CONTAINING FE'
3 non-polymer '(2~{S})-2-[[(2~{S})-1-(3-cyclohexylpropanoyl)piperidin-2-yl]carbonylamino]-3-phenyl-propanoic acid'
4 water water
#
_entity_poly.entity_id   1
_entity_poly.type   'polypeptide(L)'
_entity_poly.pdbx_seq_one_letter_code
;MTIKEMPQPKTFGELKNLPLLNTDKPVQALMKIADELGEIFKFEAPGRVTRYLSSQRLIKEACDESRFDKNLSQALKFVR
DFAGDGLFTSWTHEKNWKKAHNILLPSFSQQAMKGYHAMMVDIAVQLVQKWERLNADEHIEVPEDMTRLTLDTIGLCGFN
YRFNSFYRDQPHPFITSMVRALDEAMNKLQRANPDDPAYDENKRQFQEDIKVMNDLVDKIIADRKASGEQSDDLLTHMLN
GKDPETGEPLDDENIRYQIITFLIAGHETTSGLLSFALYFLVKNPHVLQKAAEEAARVLVDPVPSYKQVKQLKYVGMVLN
EALRLWPTAPAFSLYAKEDTVLGGEYPLEKGDELMVLIPQLHRDKTIWGDDVEEFRPERFENPSAIPQHAFKPFGNGQRA
CIGQQFALHEATLVLGMMLKHFDFEDHTNYELDIKETLTLKPEGFVVKAKSKKIPL
;
_entity_poly.pdbx_strand_id   A,B
#
# COMPACT_ATOMS: atom_id res chain seq x y z
N LYS A 4 -52.62 -25.74 -2.42
CA LYS A 4 -51.98 -26.00 -3.73
C LYS A 4 -50.63 -26.70 -3.53
N GLU A 5 -50.33 -27.61 -4.47
CA GLU A 5 -49.11 -28.39 -4.48
C GLU A 5 -47.95 -27.44 -4.83
N MET A 6 -46.87 -27.49 -4.05
CA MET A 6 -45.76 -26.58 -4.21
C MET A 6 -44.78 -27.08 -5.28
N PRO A 7 -44.38 -26.22 -6.26
CA PRO A 7 -43.34 -26.59 -7.22
C PRO A 7 -41.98 -26.89 -6.60
N GLN A 8 -41.20 -27.72 -7.27
CA GLN A 8 -39.87 -28.08 -6.78
C GLN A 8 -38.94 -28.22 -7.98
N PRO A 9 -37.70 -27.69 -7.93
CA PRO A 9 -36.77 -27.84 -9.04
C PRO A 9 -36.24 -29.26 -9.18
N LYS A 10 -35.41 -29.44 -10.22
CA LYS A 10 -34.89 -30.73 -10.63
C LYS A 10 -34.08 -31.41 -9.52
N THR A 11 -34.15 -32.75 -9.52
CA THR A 11 -33.57 -33.55 -8.45
C THR A 11 -32.45 -34.43 -9.00
N PHE A 12 -31.69 -34.97 -8.06
CA PHE A 12 -30.50 -35.75 -8.33
C PHE A 12 -30.53 -37.05 -7.51
N GLY A 13 -31.56 -37.86 -7.72
CA GLY A 13 -31.71 -39.09 -6.94
C GLY A 13 -31.68 -38.80 -5.44
N GLU A 14 -30.87 -39.55 -4.66
CA GLU A 14 -30.95 -39.44 -3.20
C GLU A 14 -30.31 -38.15 -2.66
N LEU A 15 -29.60 -37.40 -3.51
CA LEU A 15 -29.08 -36.09 -3.11
C LEU A 15 -30.14 -35.00 -3.28
N LYS A 16 -31.31 -35.34 -3.81
CA LYS A 16 -32.44 -34.44 -3.91
C LYS A 16 -32.03 -33.19 -4.71
N ASN A 17 -32.29 -32.01 -4.16
CA ASN A 17 -31.97 -30.75 -4.84
C ASN A 17 -30.59 -30.24 -4.49
N LEU A 18 -29.90 -30.85 -3.52
CA LEU A 18 -28.62 -30.32 -3.05
C LEU A 18 -27.61 -29.99 -4.16
N PRO A 19 -27.34 -30.81 -5.22
CA PRO A 19 -26.31 -30.45 -6.20
C PRO A 19 -26.56 -29.17 -7.01
N LEU A 20 -27.80 -28.63 -6.94
CA LEU A 20 -28.13 -27.32 -7.53
C LEU A 20 -27.29 -26.23 -6.86
N LEU A 21 -26.91 -26.42 -5.60
CA LEU A 21 -26.05 -25.45 -4.93
C LEU A 21 -24.57 -25.73 -5.20
N ASN A 22 -24.25 -26.77 -5.99
CA ASN A 22 -22.86 -27.02 -6.31
C ASN A 22 -22.51 -26.17 -7.55
N THR A 23 -22.48 -24.85 -7.33
CA THR A 23 -22.18 -23.88 -8.36
C THR A 23 -21.41 -22.73 -7.74
N ASP A 24 -20.69 -21.97 -8.57
CA ASP A 24 -19.96 -20.81 -8.10
C ASP A 24 -20.95 -19.68 -7.79
N LYS A 25 -22.18 -19.75 -8.35
CA LYS A 25 -23.14 -18.64 -8.22
C LYS A 25 -24.54 -19.12 -7.79
N PRO A 26 -24.68 -19.59 -6.52
CA PRO A 26 -25.92 -20.15 -6.01
C PRO A 26 -27.11 -19.19 -5.94
N VAL A 27 -26.88 -17.92 -5.56
CA VAL A 27 -28.00 -16.98 -5.50
C VAL A 27 -28.60 -16.79 -6.89
N GLN A 28 -27.75 -16.62 -7.90
CA GLN A 28 -28.18 -16.36 -9.25
C GLN A 28 -28.87 -17.60 -9.81
N ALA A 29 -28.40 -18.79 -9.44
CA ALA A 29 -29.09 -20.01 -9.82
C ALA A 29 -30.48 -20.08 -9.21
N LEU A 30 -30.60 -19.74 -7.92
CA LEU A 30 -31.89 -19.75 -7.27
C LEU A 30 -32.82 -18.71 -7.87
N MET A 31 -32.28 -17.55 -8.29
CA MET A 31 -33.06 -16.54 -8.95
C MET A 31 -33.68 -17.08 -10.25
N LYS A 32 -32.86 -17.81 -11.02
CA LYS A 32 -33.29 -18.44 -12.25
C LYS A 32 -34.37 -19.48 -11.97
N ILE A 33 -34.20 -20.31 -10.91
CA ILE A 33 -35.24 -21.25 -10.51
C ILE A 33 -36.54 -20.50 -10.19
N ALA A 34 -36.46 -19.39 -9.44
CA ALA A 34 -37.66 -18.64 -9.09
C ALA A 34 -38.38 -18.13 -10.35
N ASP A 35 -37.61 -17.68 -11.34
CA ASP A 35 -38.19 -17.17 -12.58
C ASP A 35 -39.00 -18.26 -13.27
N GLU A 36 -38.45 -19.49 -13.24
CA GLU A 36 -39.09 -20.64 -13.85
C GLU A 36 -40.32 -21.03 -13.02
N LEU A 37 -40.17 -21.12 -11.70
CA LEU A 37 -41.17 -21.79 -10.86
C LEU A 37 -42.16 -20.84 -10.20
N GLY A 38 -41.82 -19.55 -10.04
CA GLY A 38 -42.75 -18.62 -9.45
C GLY A 38 -42.45 -18.28 -7.98
N GLU A 39 -43.48 -17.83 -7.27
CA GLU A 39 -43.28 -17.09 -6.04
C GLU A 39 -42.83 -17.98 -4.89
N ILE A 40 -42.98 -19.32 -5.00
CA ILE A 40 -42.60 -20.24 -3.93
C ILE A 40 -42.19 -21.56 -4.55
N PHE A 41 -41.05 -22.11 -4.09
CA PHE A 41 -40.69 -23.47 -4.41
C PHE A 41 -40.01 -24.14 -3.21
N LYS A 42 -40.23 -25.46 -3.16
CA LYS A 42 -39.62 -26.35 -2.20
C LYS A 42 -38.21 -26.74 -2.63
N PHE A 43 -37.29 -26.84 -1.66
CA PHE A 43 -35.94 -27.27 -1.91
C PHE A 43 -35.59 -28.29 -0.83
N GLU A 44 -35.28 -29.52 -1.25
CA GLU A 44 -34.87 -30.57 -0.33
C GLU A 44 -33.41 -30.94 -0.47
N ALA A 45 -32.83 -31.34 0.67
CA ALA A 45 -31.52 -31.96 0.70
C ALA A 45 -31.59 -33.12 1.70
N PRO A 46 -30.61 -34.06 1.70
CA PRO A 46 -30.51 -35.05 2.77
C PRO A 46 -30.64 -34.35 4.14
N GLY A 47 -31.79 -34.57 4.80
CA GLY A 47 -32.01 -34.10 6.17
C GLY A 47 -32.47 -32.64 6.29
N ARG A 48 -32.87 -32.03 5.17
CA ARG A 48 -33.22 -30.60 5.14
C ARG A 48 -34.37 -30.37 4.15
N VAL A 49 -35.34 -29.54 4.57
CA VAL A 49 -36.34 -28.99 3.67
C VAL A 49 -36.48 -27.48 3.94
N THR A 50 -36.46 -26.68 2.87
CA THR A 50 -36.80 -25.28 2.96
C THR A 50 -37.73 -24.91 1.79
N ARG A 51 -38.30 -23.71 1.86
CA ARG A 51 -39.16 -23.13 0.85
C ARG A 51 -38.63 -21.74 0.51
N TYR A 52 -38.32 -21.48 -0.76
CA TYR A 52 -37.81 -20.19 -1.22
C TYR A 52 -38.96 -19.30 -1.67
N LEU A 53 -39.04 -18.10 -1.06
CA LEU A 53 -40.08 -17.13 -1.34
C LEU A 53 -39.53 -15.99 -2.19
N SER A 54 -40.30 -15.56 -3.20
CA SER A 54 -39.89 -14.50 -4.12
C SER A 54 -40.91 -13.36 -4.30
N SER A 55 -42.16 -13.50 -3.81
CA SER A 55 -43.16 -12.47 -4.08
C SER A 55 -43.46 -11.64 -2.84
N GLN A 56 -43.80 -10.36 -3.04
CA GLN A 56 -44.19 -9.50 -1.94
C GLN A 56 -45.38 -10.09 -1.21
N ARG A 57 -46.33 -10.68 -1.92
CA ARG A 57 -47.55 -11.23 -1.33
C ARG A 57 -47.22 -12.20 -0.19
N LEU A 58 -46.27 -13.13 -0.45
CA LEU A 58 -45.93 -14.19 0.52
C LEU A 58 -44.89 -13.67 1.51
N ILE A 59 -44.00 -12.79 1.07
CA ILE A 59 -42.95 -12.32 1.98
C ILE A 59 -43.52 -11.36 3.04
N LYS A 60 -44.56 -10.59 2.70
CA LYS A 60 -45.23 -9.74 3.68
C LYS A 60 -45.74 -10.58 4.85
N GLU A 61 -46.24 -11.79 4.58
CA GLU A 61 -46.70 -12.69 5.63
C GLU A 61 -45.51 -13.27 6.41
N ALA A 62 -44.49 -13.74 5.69
CA ALA A 62 -43.26 -14.25 6.30
C ALA A 62 -42.67 -13.26 7.29
N CYS A 63 -42.90 -11.97 7.02
CA CYS A 63 -42.34 -10.88 7.81
C CYS A 63 -43.21 -10.49 9.01
N ASP A 64 -44.26 -11.26 9.26
CA ASP A 64 -45.07 -11.05 10.44
C ASP A 64 -44.39 -11.75 11.62
N GLU A 65 -43.82 -10.96 12.55
CA GLU A 65 -43.04 -11.49 13.66
C GLU A 65 -43.90 -12.29 14.66
N SER A 66 -45.22 -12.13 14.63
CA SER A 66 -46.08 -12.96 15.47
C SER A 66 -46.14 -14.40 14.97
N ARG A 67 -45.82 -14.62 13.69
CA ARG A 67 -46.00 -15.90 13.04
C ARG A 67 -44.65 -16.57 12.77
N PHE A 68 -43.63 -15.75 12.45
CA PHE A 68 -42.32 -16.26 12.01
C PHE A 68 -41.20 -15.53 12.73
N ASP A 69 -40.08 -16.24 12.94
CA ASP A 69 -38.89 -15.70 13.60
C ASP A 69 -37.68 -16.03 12.74
N LYS A 70 -36.58 -15.30 12.95
CA LYS A 70 -35.34 -15.60 12.25
C LYS A 70 -34.87 -17.02 12.57
N ASN A 71 -34.44 -17.67 11.48
CA ASN A 71 -33.81 -18.96 11.50
C ASN A 71 -32.34 -18.77 11.13
N LEU A 72 -31.47 -19.64 11.66
CA LEU A 72 -30.12 -19.77 11.15
C LEU A 72 -30.11 -20.79 10.00
N SER A 73 -29.94 -20.27 8.78
CA SER A 73 -29.58 -21.04 7.62
C SER A 73 -28.35 -21.87 7.93
N GLN A 74 -28.11 -22.84 7.05
CA GLN A 74 -26.93 -23.65 7.20
C GLN A 74 -25.70 -22.76 7.10
N ALA A 75 -25.77 -21.74 6.23
CA ALA A 75 -24.67 -20.79 6.10
C ALA A 75 -24.41 -20.11 7.43
N LEU A 76 -25.45 -19.63 8.10
CA LEU A 76 -25.24 -18.92 9.36
C LEU A 76 -24.76 -19.87 10.45
N LYS A 77 -25.20 -21.13 10.44
CA LYS A 77 -24.73 -22.11 11.41
C LYS A 77 -23.22 -22.36 11.27
N PHE A 78 -22.73 -22.35 10.02
CA PHE A 78 -21.30 -22.45 9.78
C PHE A 78 -20.54 -21.17 10.12
N VAL A 79 -21.15 -20.00 9.88
CA VAL A 79 -20.54 -18.75 10.28
C VAL A 79 -20.46 -18.67 11.82
N ARG A 80 -21.43 -19.27 12.52
CA ARG A 80 -21.46 -19.24 13.99
C ARG A 80 -20.21 -19.88 14.62
N ASP A 81 -19.55 -20.78 13.89
CA ASP A 81 -18.29 -21.34 14.39
C ASP A 81 -17.23 -20.27 14.66
N PHE A 82 -17.32 -19.06 14.06
CA PHE A 82 -16.39 -18.01 14.43
C PHE A 82 -17.08 -16.71 14.85
N ALA A 83 -18.37 -16.52 14.50
CA ALA A 83 -19.10 -15.34 14.96
C ALA A 83 -19.93 -15.62 16.21
N GLY A 84 -19.97 -16.88 16.67
CA GLY A 84 -20.49 -17.22 18.00
C GLY A 84 -21.94 -16.81 18.21
N ASP A 85 -22.27 -16.30 19.40
CA ASP A 85 -23.57 -15.75 19.67
C ASP A 85 -23.56 -14.22 19.55
N GLY A 86 -22.78 -13.70 18.59
CA GLY A 86 -22.94 -12.31 18.20
C GLY A 86 -24.35 -12.08 17.67
N LEU A 87 -24.68 -10.83 17.42
CA LEU A 87 -26.03 -10.46 17.04
C LEU A 87 -26.49 -11.19 15.77
N PHE A 88 -25.59 -11.43 14.78
CA PHE A 88 -26.01 -11.91 13.48
C PHE A 88 -26.23 -13.42 13.49
N THR A 89 -25.55 -14.13 14.39
CA THR A 89 -25.61 -15.59 14.39
C THR A 89 -26.24 -16.14 15.68
N SER A 90 -26.96 -15.30 16.44
CA SER A 90 -27.71 -15.76 17.60
C SER A 90 -29.18 -15.96 17.22
N TRP A 91 -29.83 -16.90 17.93
CA TRP A 91 -31.28 -17.03 17.93
C TRP A 91 -31.90 -15.93 18.76
N THR A 92 -33.10 -15.49 18.38
CA THR A 92 -33.78 -14.39 19.08
C THR A 92 -33.96 -14.72 20.56
N HIS A 93 -34.15 -16.00 20.87
CA HIS A 93 -34.46 -16.43 22.23
C HIS A 93 -33.22 -16.62 23.11
N GLU A 94 -32.00 -16.52 22.53
CA GLU A 94 -30.83 -16.61 23.37
C GLU A 94 -30.65 -15.32 24.16
N LYS A 95 -30.23 -15.46 25.41
CA LYS A 95 -30.13 -14.30 26.28
C LYS A 95 -29.21 -13.23 25.67
N ASN A 96 -28.09 -13.62 25.04
CA ASN A 96 -27.15 -12.62 24.55
C ASN A 96 -27.66 -11.76 23.41
N TRP A 97 -28.63 -12.28 22.64
CA TRP A 97 -29.22 -11.54 21.51
C TRP A 97 -29.81 -10.24 22.04
N LYS A 98 -30.82 -10.34 22.92
CA LYS A 98 -31.55 -9.15 23.31
C LYS A 98 -30.67 -8.26 24.18
N LYS A 99 -29.79 -8.85 25.00
CA LYS A 99 -28.81 -8.09 25.74
C LYS A 99 -27.96 -7.23 24.78
N ALA A 100 -27.37 -7.87 23.77
CA ALA A 100 -26.45 -7.12 22.91
C ALA A 100 -27.24 -6.09 22.11
N HIS A 101 -28.48 -6.47 21.73
CA HIS A 101 -29.36 -5.63 20.95
C HIS A 101 -29.68 -4.32 21.66
N ASN A 102 -30.01 -4.42 22.95
CA ASN A 102 -30.34 -3.26 23.78
C ASN A 102 -29.14 -2.36 24.03
N ILE A 103 -27.96 -2.94 24.22
CA ILE A 103 -26.74 -2.21 24.45
C ILE A 103 -26.31 -1.45 23.20
N LEU A 104 -26.32 -2.13 22.05
CA LEU A 104 -25.72 -1.57 20.83
C LEU A 104 -26.66 -0.68 20.00
N LEU A 105 -28.00 -0.84 20.11
CA LEU A 105 -28.91 -0.07 19.26
C LEU A 105 -28.60 1.42 19.26
N PRO A 106 -28.42 2.10 20.43
CA PRO A 106 -28.14 3.54 20.43
C PRO A 106 -26.81 3.94 19.76
N SER A 107 -25.86 3.01 19.72
CA SER A 107 -24.56 3.27 19.11
C SER A 107 -24.63 3.13 17.58
N PHE A 108 -25.78 2.68 17.04
CA PHE A 108 -25.90 2.49 15.60
C PHE A 108 -27.03 3.37 15.02
N SER A 109 -27.59 4.25 15.86
CA SER A 109 -28.68 5.13 15.46
C SER A 109 -28.19 6.20 14.49
N GLN A 110 -29.14 6.92 13.89
CA GLN A 110 -28.80 8.04 13.01
C GLN A 110 -28.06 9.14 13.79
N GLN A 111 -28.51 9.42 15.02
CA GLN A 111 -27.85 10.40 15.86
C GLN A 111 -26.38 10.03 16.09
N ALA A 112 -26.11 8.74 16.36
CA ALA A 112 -24.75 8.25 16.59
C ALA A 112 -23.84 8.49 15.39
N MET A 113 -24.39 8.64 14.18
CA MET A 113 -23.54 8.78 13.01
C MET A 113 -22.76 10.10 13.06
N LYS A 114 -23.28 11.09 13.78
CA LYS A 114 -22.55 12.35 13.92
C LYS A 114 -21.18 12.12 14.53
N GLY A 115 -21.09 11.15 15.45
CA GLY A 115 -19.84 10.86 16.14
C GLY A 115 -18.89 9.97 15.36
N TYR A 116 -19.39 9.25 14.34
CA TYR A 116 -18.52 8.40 13.52
C TYR A 116 -18.00 9.15 12.29
N HIS A 117 -18.65 10.28 11.99
CA HIS A 117 -18.43 11.00 10.75
C HIS A 117 -16.97 11.33 10.48
N ALA A 118 -16.31 11.91 11.48
CA ALA A 118 -14.94 12.35 11.37
C ALA A 118 -14.02 11.20 10.95
N MET A 119 -14.21 9.99 11.48
CA MET A 119 -13.27 8.93 11.13
C MET A 119 -13.65 8.28 9.80
N MET A 120 -14.95 8.33 9.44
CA MET A 120 -15.35 7.92 8.10
C MET A 120 -14.73 8.82 7.04
N VAL A 121 -14.60 10.12 7.34
CA VAL A 121 -13.99 11.06 6.40
C VAL A 121 -12.51 10.75 6.29
N ASP A 122 -11.88 10.36 7.41
CA ASP A 122 -10.48 9.98 7.40
C ASP A 122 -10.21 8.94 6.30
N ILE A 123 -10.98 7.84 6.27
CA ILE A 123 -10.74 6.78 5.30
C ILE A 123 -11.15 7.24 3.89
N ALA A 124 -12.26 7.99 3.77
CA ALA A 124 -12.74 8.49 2.48
C ALA A 124 -11.67 9.34 1.80
N VAL A 125 -11.08 10.25 2.58
CA VAL A 125 -10.00 11.07 2.07
C VAL A 125 -8.82 10.21 1.60
N GLN A 126 -8.51 9.12 2.31
CA GLN A 126 -7.48 8.20 1.85
C GLN A 126 -7.81 7.61 0.47
N LEU A 127 -9.07 7.20 0.27
CA LEU A 127 -9.49 6.70 -1.04
C LEU A 127 -9.32 7.77 -2.13
N VAL A 128 -9.80 8.99 -1.88
CA VAL A 128 -9.79 10.06 -2.88
C VAL A 128 -8.35 10.37 -3.23
N GLN A 129 -7.48 10.44 -2.20
CA GLN A 129 -6.08 10.73 -2.41
C GLN A 129 -5.39 9.62 -3.22
N LYS A 130 -5.78 8.34 -3.03
CA LYS A 130 -5.19 7.27 -3.81
C LYS A 130 -5.48 7.50 -5.30
N TRP A 131 -6.74 7.82 -5.61
CA TRP A 131 -7.15 7.97 -7.01
C TRP A 131 -6.56 9.24 -7.63
N GLU A 132 -6.44 10.33 -6.83
CA GLU A 132 -5.77 11.56 -7.28
C GLU A 132 -4.33 11.27 -7.70
N ARG A 133 -3.71 10.24 -7.12
CA ARG A 133 -2.28 9.97 -7.28
C ARG A 133 -1.98 8.94 -8.38
N LEU A 134 -3.03 8.39 -9.02
CA LEU A 134 -2.85 7.49 -10.15
C LEU A 134 -2.31 8.27 -11.33
N ASN A 135 -1.45 7.59 -12.12
CA ASN A 135 -0.93 8.15 -13.37
C ASN A 135 -2.01 8.01 -14.46
N ALA A 136 -1.82 8.76 -15.55
CA ALA A 136 -2.84 8.95 -16.57
C ALA A 136 -3.24 7.63 -17.22
N ASP A 137 -2.28 6.73 -17.41
CA ASP A 137 -2.49 5.43 -18.04
C ASP A 137 -3.41 4.50 -17.22
N GLU A 138 -3.63 4.80 -15.93
CA GLU A 138 -3.92 3.73 -14.97
C GLU A 138 -5.40 3.64 -14.67
N HIS A 139 -5.81 2.46 -14.18
CA HIS A 139 -7.20 2.19 -13.87
C HIS A 139 -7.34 1.87 -12.37
N ILE A 140 -8.62 1.80 -11.94
CA ILE A 140 -9.06 1.47 -10.59
C ILE A 140 -9.72 0.09 -10.61
N GLU A 141 -9.31 -0.75 -9.65
CA GLU A 141 -9.94 -2.02 -9.35
C GLU A 141 -11.01 -1.74 -8.30
N VAL A 142 -12.25 -1.58 -8.77
CA VAL A 142 -13.29 -0.96 -7.95
C VAL A 142 -13.59 -1.80 -6.70
N PRO A 143 -14.03 -3.08 -6.77
CA PRO A 143 -14.40 -3.80 -5.54
C PRO A 143 -13.22 -3.90 -4.58
N GLU A 144 -11.99 -3.99 -5.11
CA GLU A 144 -10.77 -4.06 -4.32
C GLU A 144 -10.61 -2.80 -3.49
N ASP A 145 -10.77 -1.61 -4.11
CA ASP A 145 -10.61 -0.38 -3.35
C ASP A 145 -11.79 -0.09 -2.44
N MET A 146 -13.02 -0.42 -2.87
CA MET A 146 -14.18 -0.23 -1.98
C MET A 146 -14.02 -1.05 -0.70
N THR A 147 -13.46 -2.27 -0.82
CA THR A 147 -13.32 -3.17 0.30
C THR A 147 -12.24 -2.65 1.25
N ARG A 148 -11.15 -2.09 0.68
CA ARG A 148 -10.16 -1.37 1.46
C ARG A 148 -10.84 -0.29 2.29
N LEU A 149 -11.76 0.47 1.67
CA LEU A 149 -12.41 1.55 2.37
C LEU A 149 -13.35 1.05 3.48
N THR A 150 -14.23 0.08 3.16
CA THR A 150 -15.29 -0.28 4.09
C THR A 150 -14.71 -1.04 5.29
N LEU A 151 -13.74 -1.92 5.05
CA LEU A 151 -13.10 -2.59 6.16
C LEU A 151 -12.39 -1.61 7.09
N ASP A 152 -11.71 -0.61 6.53
CA ASP A 152 -10.91 0.30 7.33
C ASP A 152 -11.85 1.18 8.15
N THR A 153 -12.98 1.58 7.56
CA THR A 153 -13.95 2.42 8.26
C THR A 153 -14.52 1.68 9.47
N ILE A 154 -14.89 0.40 9.34
CA ILE A 154 -15.46 -0.29 10.50
C ILE A 154 -14.37 -0.58 11.55
N GLY A 155 -13.14 -0.88 11.13
CA GLY A 155 -12.02 -1.02 12.05
C GLY A 155 -11.80 0.24 12.91
N LEU A 156 -11.77 1.40 12.27
CA LEU A 156 -11.47 2.65 12.94
C LEU A 156 -12.67 3.13 13.78
N CYS A 157 -13.87 3.12 13.20
CA CYS A 157 -15.09 3.56 13.89
C CYS A 157 -15.47 2.56 14.99
N GLY A 158 -15.22 1.27 14.77
CA GLY A 158 -15.67 0.19 15.64
C GLY A 158 -14.74 -0.06 16.82
N PHE A 159 -13.41 -0.01 16.62
CA PHE A 159 -12.51 -0.29 17.75
C PHE A 159 -11.18 0.45 17.62
N ASN A 160 -11.16 1.57 16.88
CA ASN A 160 -10.01 2.46 16.79
C ASN A 160 -8.78 1.65 16.40
N TYR A 161 -8.99 0.71 15.47
CA TYR A 161 -7.90 -0.08 14.93
C TYR A 161 -7.75 0.27 13.46
N ARG A 162 -6.50 0.55 13.04
CA ARG A 162 -6.20 0.85 11.64
C ARG A 162 -5.65 -0.40 10.95
N PHE A 163 -6.44 -0.91 10.00
CA PHE A 163 -6.01 -2.01 9.18
C PHE A 163 -5.04 -1.53 8.09
N ASN A 164 -5.08 -0.22 7.79
CA ASN A 164 -4.17 0.41 6.84
C ASN A 164 -4.18 -0.33 5.50
N SER A 165 -5.40 -0.56 4.99
CA SER A 165 -5.60 -1.33 3.76
C SER A 165 -5.06 -0.62 2.52
N PHE A 166 -5.03 0.72 2.55
CA PHE A 166 -4.49 1.50 1.45
C PHE A 166 -2.95 1.48 1.41
N TYR A 167 -2.29 0.83 2.38
CA TYR A 167 -0.83 0.74 2.45
C TYR A 167 -0.34 -0.64 2.08
N ARG A 168 -1.25 -1.47 1.55
CA ARG A 168 -1.00 -2.88 1.29
C ARG A 168 -1.61 -3.35 -0.02
N ASP A 169 -0.92 -4.36 -0.59
CA ASP A 169 -1.46 -5.29 -1.57
C ASP A 169 -1.86 -6.60 -0.87
N GLN A 170 -1.09 -7.04 0.14
CA GLN A 170 -1.43 -8.26 0.86
C GLN A 170 -2.42 -7.88 1.96
N PRO A 171 -3.64 -8.49 2.04
CA PRO A 171 -4.58 -8.13 3.10
C PRO A 171 -3.96 -8.40 4.47
N HIS A 172 -4.33 -7.56 5.45
CA HIS A 172 -3.94 -7.76 6.85
C HIS A 172 -4.19 -9.22 7.25
N PRO A 173 -3.34 -9.86 8.09
CA PRO A 173 -3.50 -11.28 8.41
C PRO A 173 -4.84 -11.67 9.04
N PHE A 174 -5.49 -10.73 9.71
CA PHE A 174 -6.82 -11.01 10.23
C PHE A 174 -7.78 -11.22 9.07
N ILE A 175 -7.64 -10.39 8.02
CA ILE A 175 -8.58 -10.40 6.91
C ILE A 175 -8.31 -11.61 6.03
N THR A 176 -7.03 -12.01 5.91
CA THR A 176 -6.69 -13.27 5.29
C THR A 176 -7.51 -14.42 5.91
N SER A 177 -7.47 -14.49 7.24
CA SER A 177 -8.10 -15.57 7.97
C SER A 177 -9.63 -15.47 7.87
N MET A 178 -10.16 -14.24 7.95
CA MET A 178 -11.60 -14.08 7.96
C MET A 178 -12.16 -14.51 6.62
N VAL A 179 -11.52 -14.07 5.52
CA VAL A 179 -11.97 -14.39 4.17
C VAL A 179 -11.89 -15.89 3.91
N ARG A 180 -10.83 -16.57 4.36
CA ARG A 180 -10.69 -18.01 4.16
C ARG A 180 -11.72 -18.79 4.97
N ALA A 181 -12.07 -18.31 6.18
CA ALA A 181 -13.10 -18.90 7.00
C ALA A 181 -14.49 -18.74 6.37
N LEU A 182 -14.82 -17.53 5.91
CA LEU A 182 -16.08 -17.29 5.22
C LEU A 182 -16.19 -18.19 3.99
N ASP A 183 -15.06 -18.39 3.28
CA ASP A 183 -15.03 -19.24 2.10
C ASP A 183 -15.32 -20.69 2.47
N GLU A 184 -14.69 -21.17 3.55
CA GLU A 184 -14.94 -22.54 4.00
C GLU A 184 -16.42 -22.72 4.34
N ALA A 185 -16.99 -21.76 5.09
CA ALA A 185 -18.39 -21.85 5.47
C ALA A 185 -19.29 -21.99 4.23
N MET A 186 -19.05 -21.19 3.20
CA MET A 186 -19.91 -21.25 2.01
C MET A 186 -19.63 -22.53 1.21
N ASN A 187 -18.36 -22.96 1.16
CA ASN A 187 -18.01 -24.16 0.41
C ASN A 187 -18.57 -25.42 1.07
N LYS A 188 -18.87 -25.37 2.39
CA LYS A 188 -19.36 -26.56 3.08
C LYS A 188 -20.79 -26.90 2.67
N LEU A 189 -21.60 -25.87 2.31
CA LEU A 189 -23.02 -26.00 2.00
C LEU A 189 -23.25 -27.00 0.88
N GLN A 190 -22.37 -26.92 -0.12
CA GLN A 190 -22.50 -27.64 -1.38
C GLN A 190 -22.15 -29.11 -1.17
N ARG A 191 -21.26 -29.39 -0.19
CA ARG A 191 -20.53 -30.65 -0.13
C ARG A 191 -21.38 -31.87 0.16
N ALA A 192 -21.16 -32.89 -0.68
CA ALA A 192 -21.72 -34.21 -0.51
C ALA A 192 -20.61 -34.98 0.21
N ASN A 193 -20.98 -35.66 1.32
CA ASN A 193 -20.03 -36.32 2.21
C ASN A 193 -19.06 -35.28 2.78
N PRO A 194 -19.51 -34.44 3.75
CA PRO A 194 -18.64 -33.53 4.49
C PRO A 194 -17.40 -34.11 5.19
N ASP A 195 -17.44 -35.37 5.62
CA ASP A 195 -16.33 -35.96 6.38
C ASP A 195 -15.52 -36.91 5.51
N ASP A 196 -15.62 -36.78 4.18
CA ASP A 196 -14.66 -37.39 3.26
C ASP A 196 -13.26 -36.90 3.62
N PRO A 197 -12.28 -37.80 3.83
CA PRO A 197 -10.88 -37.42 4.08
C PRO A 197 -10.30 -36.28 3.23
N ALA A 198 -10.86 -36.09 2.03
CA ALA A 198 -10.44 -35.07 1.07
C ALA A 198 -10.52 -33.66 1.64
N TYR A 199 -11.41 -33.46 2.65
CA TYR A 199 -11.69 -32.15 3.20
C TYR A 199 -11.03 -31.98 4.57
N ASP A 200 -10.16 -32.92 4.96
CA ASP A 200 -9.45 -32.85 6.22
C ASP A 200 -8.55 -31.60 6.26
N GLU A 201 -7.83 -31.34 5.16
CA GLU A 201 -6.99 -30.16 5.10
C GLU A 201 -7.84 -28.90 5.34
N ASN A 202 -9.01 -28.84 4.69
CA ASN A 202 -9.93 -27.73 4.84
C ASN A 202 -10.21 -27.46 6.32
N LYS A 203 -10.49 -28.54 7.07
CA LYS A 203 -10.88 -28.44 8.47
C LYS A 203 -9.74 -27.90 9.32
N ARG A 204 -8.51 -28.39 9.09
CA ARG A 204 -7.33 -27.95 9.82
C ARG A 204 -7.11 -26.44 9.63
N GLN A 205 -7.23 -25.98 8.38
CA GLN A 205 -7.07 -24.57 8.04
C GLN A 205 -8.17 -23.74 8.70
N PHE A 206 -9.38 -24.32 8.81
CA PHE A 206 -10.52 -23.61 9.36
C PHE A 206 -10.25 -23.28 10.82
N GLN A 207 -9.71 -24.26 11.55
CA GLN A 207 -9.42 -24.13 12.97
C GLN A 207 -8.31 -23.10 13.18
N GLU A 208 -7.34 -23.08 12.28
CA GLU A 208 -6.21 -22.17 12.36
C GLU A 208 -6.65 -20.72 12.17
N ASP A 209 -7.61 -20.51 11.26
CA ASP A 209 -8.10 -19.18 10.94
C ASP A 209 -9.01 -18.64 12.05
N ILE A 210 -9.82 -19.51 12.66
CA ILE A 210 -10.59 -19.13 13.84
C ILE A 210 -9.63 -18.61 14.92
N LYS A 211 -8.53 -19.33 15.17
CA LYS A 211 -7.54 -18.94 16.17
C LYS A 211 -6.90 -17.60 15.86
N VAL A 212 -6.60 -17.32 14.58
CA VAL A 212 -6.03 -16.05 14.18
C VAL A 212 -6.99 -14.92 14.56
N MET A 213 -8.27 -15.12 14.24
CA MET A 213 -9.26 -14.08 14.44
C MET A 213 -9.43 -13.80 15.92
N ASN A 214 -9.65 -14.88 16.70
CA ASN A 214 -9.83 -14.85 18.16
C ASN A 214 -8.62 -14.17 18.82
N ASP A 215 -7.41 -14.54 18.38
CA ASP A 215 -6.18 -14.00 18.97
C ASP A 215 -6.07 -12.49 18.74
N LEU A 216 -6.28 -12.01 17.51
CA LEU A 216 -6.14 -10.58 17.29
C LEU A 216 -7.21 -9.83 18.11
N VAL A 217 -8.46 -10.31 18.02
CA VAL A 217 -9.56 -9.54 18.59
C VAL A 217 -9.46 -9.58 20.12
N ASP A 218 -9.14 -10.74 20.69
CA ASP A 218 -9.04 -10.83 22.15
C ASP A 218 -7.90 -9.93 22.63
N LYS A 219 -6.82 -9.83 21.85
CA LYS A 219 -5.72 -8.94 22.20
C LYS A 219 -6.19 -7.48 22.21
N ILE A 220 -6.93 -7.10 21.16
CA ILE A 220 -7.47 -5.76 21.01
C ILE A 220 -8.32 -5.42 22.24
N ILE A 221 -9.20 -6.35 22.61
CA ILE A 221 -10.10 -6.13 23.74
C ILE A 221 -9.27 -6.00 25.02
N ALA A 222 -8.31 -6.91 25.21
CA ALA A 222 -7.51 -6.89 26.43
C ALA A 222 -6.61 -5.64 26.50
N ASP A 223 -6.04 -5.22 25.36
CA ASP A 223 -5.23 -4.00 25.32
C ASP A 223 -6.05 -2.79 25.73
N ARG A 224 -7.32 -2.72 25.27
CA ARG A 224 -8.16 -1.59 25.63
C ARG A 224 -8.52 -1.62 27.11
N LYS A 225 -8.80 -2.80 27.66
CA LYS A 225 -9.13 -2.91 29.08
C LYS A 225 -7.93 -2.51 29.95
N ALA A 226 -6.71 -2.85 29.52
CA ALA A 226 -5.49 -2.64 30.28
C ALA A 226 -4.90 -1.25 30.03
N SER A 227 -5.60 -0.40 29.26
CA SER A 227 -5.14 0.96 29.01
C SER A 227 -6.06 1.96 29.70
N GLY A 228 -7.34 1.63 29.79
CA GLY A 228 -8.34 2.52 30.36
C GLY A 228 -8.83 3.60 29.39
N GLU A 229 -8.20 3.71 28.21
CA GLU A 229 -8.48 4.80 27.28
C GLU A 229 -9.92 4.69 26.78
N GLN A 230 -10.56 5.85 26.64
CA GLN A 230 -11.94 5.97 26.18
C GLN A 230 -11.95 6.58 24.77
N SER A 231 -12.50 5.86 23.78
CA SER A 231 -12.58 6.39 22.44
C SER A 231 -14.03 6.67 22.05
N ASP A 232 -14.19 7.20 20.83
CA ASP A 232 -15.49 7.40 20.23
C ASP A 232 -15.89 6.12 19.47
N ASP A 233 -15.77 4.95 20.12
CA ASP A 233 -15.92 3.72 19.36
C ASP A 233 -16.82 2.70 20.07
N LEU A 234 -17.20 1.70 19.29
CA LEU A 234 -18.10 0.65 19.76
C LEU A 234 -17.44 -0.18 20.86
N LEU A 235 -16.11 -0.34 20.80
CA LEU A 235 -15.47 -1.20 21.76
C LEU A 235 -15.60 -0.55 23.13
N THR A 236 -15.45 0.78 23.18
CA THR A 236 -15.58 1.54 24.41
C THR A 236 -16.96 1.33 25.05
N HIS A 237 -18.00 1.55 24.24
CA HIS A 237 -19.39 1.39 24.67
C HIS A 237 -19.66 -0.05 25.10
N MET A 238 -19.10 -1.05 24.40
CA MET A 238 -19.39 -2.41 24.82
C MET A 238 -18.70 -2.77 26.14
N LEU A 239 -17.55 -2.15 26.40
CA LEU A 239 -16.81 -2.45 27.60
C LEU A 239 -17.49 -1.77 28.80
N ASN A 240 -18.14 -0.62 28.61
CA ASN A 240 -18.71 0.11 29.76
C ASN A 240 -20.25 0.00 29.87
N GLY A 241 -20.93 -0.40 28.80
CA GLY A 241 -22.39 -0.29 28.72
C GLY A 241 -23.10 -1.43 29.45
N LYS A 242 -24.33 -1.16 29.90
CA LYS A 242 -25.16 -2.14 30.56
C LYS A 242 -26.50 -2.27 29.84
N ASP A 243 -26.98 -3.50 29.74
CA ASP A 243 -28.28 -3.71 29.12
C ASP A 243 -29.32 -3.20 30.10
N PRO A 244 -30.18 -2.22 29.73
CA PRO A 244 -31.12 -1.67 30.71
C PRO A 244 -32.08 -2.75 31.25
N GLU A 245 -32.39 -3.78 30.47
CA GLU A 245 -33.36 -4.80 30.87
C GLU A 245 -32.79 -5.78 31.90
N THR A 246 -31.67 -6.43 31.59
CA THR A 246 -31.02 -7.37 32.51
C THR A 246 -30.12 -6.69 33.53
N GLY A 247 -29.62 -5.49 33.24
CA GLY A 247 -28.64 -4.85 34.09
C GLY A 247 -27.23 -5.39 33.89
N GLU A 248 -27.02 -6.23 32.87
CA GLU A 248 -25.76 -6.93 32.68
C GLU A 248 -24.96 -6.34 31.52
N PRO A 249 -23.62 -6.30 31.65
CA PRO A 249 -22.77 -6.00 30.49
C PRO A 249 -22.56 -7.21 29.60
N LEU A 250 -22.00 -7.01 28.40
CA LEU A 250 -21.57 -8.14 27.62
C LEU A 250 -20.27 -8.66 28.23
N ASP A 251 -20.03 -9.97 28.16
CA ASP A 251 -18.76 -10.46 28.63
C ASP A 251 -17.74 -10.36 27.48
N ASP A 252 -16.46 -10.53 27.81
CA ASP A 252 -15.38 -10.30 26.84
C ASP A 252 -15.46 -11.27 25.65
N GLU A 253 -15.98 -12.48 25.85
CA GLU A 253 -16.11 -13.47 24.79
C GLU A 253 -17.19 -13.03 23.81
N ASN A 254 -18.31 -12.51 24.31
CA ASN A 254 -19.36 -12.01 23.42
C ASN A 254 -18.90 -10.74 22.71
N ILE A 255 -18.13 -9.85 23.39
CA ILE A 255 -17.66 -8.62 22.77
C ILE A 255 -16.81 -9.00 21.55
N ARG A 256 -15.95 -10.03 21.71
CA ARG A 256 -15.11 -10.52 20.62
C ARG A 256 -15.99 -10.98 19.44
N TYR A 257 -17.03 -11.74 19.76
CA TYR A 257 -17.95 -12.19 18.71
C TYR A 257 -18.61 -11.01 18.01
N GLN A 258 -18.96 -9.93 18.72
CA GLN A 258 -19.63 -8.80 18.07
C GLN A 258 -18.64 -8.12 17.13
N ILE A 259 -17.38 -8.00 17.54
CA ILE A 259 -16.37 -7.33 16.73
C ILE A 259 -16.13 -8.14 15.45
N ILE A 260 -16.01 -9.45 15.56
CA ILE A 260 -15.82 -10.28 14.39
C ILE A 260 -17.02 -10.08 13.44
N THR A 261 -18.22 -10.02 14.04
CA THR A 261 -19.44 -9.84 13.28
C THR A 261 -19.40 -8.53 12.51
N PHE A 262 -19.02 -7.42 13.18
CA PHE A 262 -18.99 -6.14 12.51
C PHE A 262 -17.92 -6.10 11.39
N LEU A 263 -16.80 -6.77 11.57
CA LEU A 263 -15.75 -6.84 10.55
C LEU A 263 -16.19 -7.65 9.33
N ILE A 264 -16.98 -8.70 9.55
CA ILE A 264 -17.59 -9.45 8.47
C ILE A 264 -18.50 -8.52 7.68
N ALA A 265 -19.41 -7.81 8.36
CA ALA A 265 -20.38 -6.96 7.64
C ALA A 265 -19.70 -5.82 6.92
N GLY A 266 -18.67 -5.23 7.56
CA GLY A 266 -18.02 -4.06 7.00
C GLY A 266 -17.10 -4.42 5.84
N HIS A 267 -16.86 -5.72 5.65
CA HIS A 267 -16.08 -6.16 4.53
C HIS A 267 -17.01 -6.06 3.31
N GLU A 268 -17.22 -7.16 2.59
CA GLU A 268 -17.68 -7.01 1.22
C GLU A 268 -19.20 -6.79 1.15
N THR A 269 -19.95 -7.03 2.25
CA THR A 269 -21.39 -6.74 2.22
C THR A 269 -21.59 -5.24 2.00
N THR A 270 -20.79 -4.40 2.66
CA THR A 270 -20.90 -2.96 2.49
C THR A 270 -20.17 -2.45 1.22
N SER A 271 -19.00 -3.03 0.94
CA SER A 271 -18.20 -2.59 -0.20
C SER A 271 -18.90 -2.96 -1.51
N GLY A 272 -19.71 -4.02 -1.45
CA GLY A 272 -20.46 -4.45 -2.62
C GLY A 272 -21.50 -3.42 -3.10
N LEU A 273 -22.19 -2.80 -2.16
CA LEU A 273 -23.16 -1.75 -2.45
C LEU A 273 -22.47 -0.61 -3.22
N LEU A 274 -21.30 -0.16 -2.74
CA LEU A 274 -20.60 0.89 -3.47
C LEU A 274 -20.18 0.44 -4.87
N SER A 275 -19.68 -0.80 -5.00
CA SER A 275 -19.20 -1.32 -6.28
C SER A 275 -20.34 -1.43 -7.29
N PHE A 276 -21.51 -1.93 -6.83
CA PHE A 276 -22.68 -1.99 -7.70
C PHE A 276 -23.18 -0.57 -8.05
N ALA A 277 -23.18 0.34 -7.09
CA ALA A 277 -23.67 1.68 -7.39
C ALA A 277 -22.80 2.34 -8.45
N LEU A 278 -21.48 2.17 -8.39
CA LEU A 278 -20.62 2.78 -9.39
C LEU A 278 -20.79 2.09 -10.75
N TYR A 279 -20.94 0.76 -10.74
CA TYR A 279 -21.31 0.05 -11.94
C TYR A 279 -22.55 0.65 -12.61
N PHE A 280 -23.68 0.80 -11.89
CA PHE A 280 -24.87 1.33 -12.49
C PHE A 280 -24.67 2.77 -12.95
N LEU A 281 -23.90 3.56 -12.22
CA LEU A 281 -23.65 4.95 -12.60
C LEU A 281 -22.91 5.03 -13.95
N VAL A 282 -21.88 4.20 -14.19
CA VAL A 282 -21.11 4.33 -15.42
C VAL A 282 -21.86 3.70 -16.59
N LYS A 283 -22.85 2.80 -16.31
CA LYS A 283 -23.71 2.28 -17.37
C LYS A 283 -24.94 3.15 -17.65
N ASN A 284 -25.16 4.20 -16.84
CA ASN A 284 -26.34 5.02 -16.94
C ASN A 284 -25.89 6.47 -16.83
N PRO A 285 -25.31 7.05 -17.91
CA PRO A 285 -24.70 8.37 -17.81
C PRO A 285 -25.62 9.51 -17.40
N HIS A 286 -26.92 9.43 -17.69
CA HIS A 286 -27.82 10.50 -17.30
C HIS A 286 -28.01 10.47 -15.78
N VAL A 287 -27.97 9.30 -15.18
CA VAL A 287 -28.04 9.14 -13.73
C VAL A 287 -26.73 9.63 -13.11
N LEU A 288 -25.59 9.24 -13.70
CA LEU A 288 -24.31 9.80 -13.27
C LEU A 288 -24.32 11.33 -13.30
N GLN A 289 -24.81 11.91 -14.40
CA GLN A 289 -24.88 13.35 -14.49
C GLN A 289 -25.66 13.94 -13.31
N LYS A 290 -26.83 13.37 -13.00
CA LYS A 290 -27.63 13.96 -11.92
C LYS A 290 -26.92 13.85 -10.56
N ALA A 291 -26.34 12.68 -10.28
CA ALA A 291 -25.66 12.42 -9.03
C ALA A 291 -24.42 13.32 -8.88
N ALA A 292 -23.63 13.50 -9.98
CA ALA A 292 -22.47 14.37 -9.95
C ALA A 292 -22.89 15.83 -9.74
N GLU A 293 -23.98 16.27 -10.40
CA GLU A 293 -24.45 17.63 -10.23
C GLU A 293 -24.81 17.87 -8.77
N GLU A 294 -25.47 16.90 -8.14
CA GLU A 294 -25.89 17.04 -6.75
C GLU A 294 -24.65 17.12 -5.87
N ALA A 295 -23.70 16.20 -6.07
CA ALA A 295 -22.48 16.26 -5.27
C ALA A 295 -21.84 17.64 -5.39
N ALA A 296 -21.68 18.16 -6.62
CA ALA A 296 -21.00 19.45 -6.80
C ALA A 296 -21.75 20.55 -6.06
N ARG A 297 -23.07 20.53 -6.13
CA ARG A 297 -23.90 21.59 -5.56
C ARG A 297 -23.86 21.57 -4.03
N VAL A 298 -23.88 20.36 -3.44
CA VAL A 298 -24.02 20.14 -2.02
C VAL A 298 -22.67 20.15 -1.27
N LEU A 299 -21.66 19.44 -1.79
CA LEU A 299 -20.38 19.28 -1.12
C LEU A 299 -19.49 20.48 -1.43
N VAL A 300 -19.86 21.63 -0.86
CA VAL A 300 -19.18 22.89 -1.12
C VAL A 300 -17.89 23.07 -0.32
N ASP A 301 -17.56 22.18 0.62
CA ASP A 301 -16.38 22.37 1.41
C ASP A 301 -15.35 21.27 1.14
N PRO A 302 -14.06 21.51 1.43
CA PRO A 302 -13.05 20.45 1.23
C PRO A 302 -13.29 19.19 2.07
N VAL A 303 -13.74 19.37 3.32
CA VAL A 303 -14.12 18.31 4.24
C VAL A 303 -15.65 18.26 4.31
N PRO A 304 -16.36 17.21 3.82
CA PRO A 304 -17.82 17.15 3.96
C PRO A 304 -18.28 17.04 5.41
N SER A 305 -19.30 17.81 5.75
CA SER A 305 -19.95 17.73 7.04
C SER A 305 -21.03 16.62 7.08
N TYR A 306 -21.43 16.23 8.28
CA TYR A 306 -22.53 15.32 8.51
C TYR A 306 -23.81 15.84 7.83
N LYS A 307 -24.11 17.13 8.04
CA LYS A 307 -25.32 17.75 7.49
C LYS A 307 -25.31 17.71 5.96
N GLN A 308 -24.12 17.90 5.36
CA GLN A 308 -24.04 17.91 3.90
C GLN A 308 -24.29 16.51 3.35
N VAL A 309 -23.81 15.48 4.04
CA VAL A 309 -24.04 14.13 3.58
C VAL A 309 -25.54 13.82 3.66
N LYS A 310 -26.24 14.29 4.69
CA LYS A 310 -27.70 14.13 4.77
C LYS A 310 -28.42 14.84 3.61
N GLN A 311 -27.78 15.85 3.03
CA GLN A 311 -28.37 16.67 1.96
C GLN A 311 -28.29 15.98 0.60
N LEU A 312 -27.51 14.90 0.49
CA LEU A 312 -27.36 14.19 -0.78
C LEU A 312 -28.51 13.22 -1.04
N LYS A 313 -29.68 13.78 -1.36
CA LYS A 313 -30.87 12.99 -1.56
C LYS A 313 -30.70 12.06 -2.76
N TYR A 314 -30.21 12.59 -3.89
CA TYR A 314 -30.19 11.80 -5.12
C TYR A 314 -29.16 10.69 -4.95
N VAL A 315 -28.05 10.99 -4.28
CA VAL A 315 -27.05 9.95 -4.03
C VAL A 315 -27.69 8.81 -3.24
N GLY A 316 -28.46 9.13 -2.21
CA GLY A 316 -29.21 8.12 -1.49
C GLY A 316 -30.15 7.30 -2.38
N MET A 317 -30.79 7.93 -3.36
CA MET A 317 -31.72 7.23 -4.26
C MET A 317 -30.94 6.23 -5.11
N VAL A 318 -29.77 6.65 -5.61
CA VAL A 318 -28.90 5.76 -6.37
C VAL A 318 -28.55 4.51 -5.54
N LEU A 319 -28.13 4.73 -4.29
CA LEU A 319 -27.73 3.61 -3.44
C LEU A 319 -28.93 2.68 -3.19
N ASN A 320 -30.13 3.22 -2.97
CA ASN A 320 -31.31 2.38 -2.81
C ASN A 320 -31.61 1.56 -4.07
N GLU A 321 -31.39 2.14 -5.25
CA GLU A 321 -31.73 1.45 -6.48
C GLU A 321 -30.69 0.38 -6.77
N ALA A 322 -29.44 0.59 -6.31
CA ALA A 322 -28.45 -0.46 -6.39
C ALA A 322 -28.81 -1.59 -5.40
N LEU A 323 -29.29 -1.27 -4.20
CA LEU A 323 -29.75 -2.28 -3.25
C LEU A 323 -30.95 -3.04 -3.82
N ARG A 324 -31.78 -2.39 -4.64
CA ARG A 324 -32.94 -3.08 -5.19
C ARG A 324 -32.46 -4.19 -6.13
N LEU A 325 -31.56 -3.85 -7.04
CA LEU A 325 -31.16 -4.78 -8.10
C LEU A 325 -30.22 -5.84 -7.56
N TRP A 326 -29.26 -5.48 -6.71
CA TRP A 326 -28.25 -6.42 -6.24
C TRP A 326 -28.02 -6.22 -4.74
N PRO A 327 -29.00 -6.62 -3.87
CA PRO A 327 -28.82 -6.54 -2.41
C PRO A 327 -27.69 -7.49 -2.04
N THR A 328 -26.64 -6.95 -1.41
CA THR A 328 -25.35 -7.65 -1.27
C THR A 328 -25.38 -8.70 -0.18
N ALA A 329 -26.41 -8.65 0.67
CA ALA A 329 -26.68 -9.75 1.60
C ALA A 329 -28.00 -10.40 1.15
N PRO A 330 -27.96 -11.30 0.14
CA PRO A 330 -29.15 -11.53 -0.68
C PRO A 330 -30.25 -12.46 -0.17
N ALA A 331 -30.10 -13.04 1.02
CA ALA A 331 -31.14 -13.90 1.55
C ALA A 331 -31.16 -13.83 3.07
N PHE A 332 -32.31 -14.21 3.63
CA PHE A 332 -32.41 -14.48 5.04
C PHE A 332 -33.44 -15.58 5.26
N SER A 333 -33.42 -16.17 6.45
CA SER A 333 -34.19 -17.39 6.73
C SER A 333 -35.13 -17.15 7.93
N LEU A 334 -36.31 -17.79 7.89
CA LEU A 334 -37.32 -17.70 8.93
C LEU A 334 -37.81 -19.11 9.28
N TYR A 335 -38.42 -19.24 10.46
CA TYR A 335 -39.11 -20.49 10.82
C TYR A 335 -40.50 -20.14 11.37
N ALA A 336 -41.42 -21.07 11.19
CA ALA A 336 -42.78 -20.90 11.65
C ALA A 336 -42.80 -21.16 13.16
N LYS A 337 -43.36 -20.23 13.93
CA LYS A 337 -43.39 -20.35 15.38
C LYS A 337 -44.50 -21.33 15.78
N GLU A 338 -45.56 -21.38 14.97
CA GLU A 338 -46.66 -22.31 15.18
C GLU A 338 -47.16 -22.74 13.81
N ASP A 339 -47.99 -23.79 13.79
CA ASP A 339 -48.65 -24.22 12.58
C ASP A 339 -49.39 -23.01 12.00
N THR A 340 -49.33 -22.85 10.67
CA THR A 340 -49.86 -21.64 10.03
C THR A 340 -50.00 -21.89 8.54
N VAL A 341 -50.83 -21.08 7.89
CA VAL A 341 -51.11 -21.26 6.48
C VAL A 341 -50.60 -20.03 5.76
N LEU A 342 -49.67 -20.25 4.83
CA LEU A 342 -49.02 -19.16 4.11
C LEU A 342 -49.83 -18.80 2.84
N GLY A 343 -50.21 -17.52 2.73
CA GLY A 343 -50.88 -17.00 1.55
C GLY A 343 -52.21 -17.68 1.25
N GLY A 344 -52.86 -18.24 2.28
CA GLY A 344 -54.14 -18.94 2.14
C GLY A 344 -54.04 -20.29 1.43
N GLU A 345 -52.82 -20.72 1.06
CA GLU A 345 -52.64 -21.87 0.18
C GLU A 345 -51.62 -22.89 0.67
N TYR A 346 -50.67 -22.50 1.53
CA TYR A 346 -49.50 -23.33 1.83
C TYR A 346 -49.42 -23.61 3.32
N PRO A 347 -50.06 -24.70 3.80
CA PRO A 347 -49.94 -25.06 5.22
C PRO A 347 -48.49 -25.32 5.62
N LEU A 348 -48.14 -24.78 6.78
CA LEU A 348 -46.82 -24.95 7.39
C LEU A 348 -46.97 -25.54 8.79
N GLU A 349 -46.03 -26.45 9.14
CA GLU A 349 -45.93 -26.99 10.50
C GLU A 349 -45.00 -26.08 11.31
N LYS A 350 -45.24 -25.97 12.63
CA LYS A 350 -44.29 -25.38 13.55
C LYS A 350 -42.89 -25.91 13.26
N GLY A 351 -41.91 -24.99 13.16
CA GLY A 351 -40.54 -25.35 12.87
C GLY A 351 -40.25 -25.33 11.38
N ASP A 352 -41.26 -25.24 10.50
CA ASP A 352 -40.99 -25.28 9.06
C ASP A 352 -40.21 -24.02 8.64
N GLU A 353 -39.24 -24.20 7.73
CA GLU A 353 -38.31 -23.12 7.35
C GLU A 353 -38.75 -22.43 6.07
N LEU A 354 -38.52 -21.11 6.00
CA LEU A 354 -38.61 -20.35 4.75
C LEU A 354 -37.25 -19.71 4.42
N MET A 355 -37.03 -19.39 3.14
CA MET A 355 -35.90 -18.55 2.73
C MET A 355 -36.47 -17.40 1.89
N VAL A 356 -36.03 -16.17 2.14
CA VAL A 356 -36.44 -15.00 1.40
C VAL A 356 -35.33 -14.68 0.39
N LEU A 357 -35.66 -14.75 -0.90
CA LEU A 357 -34.70 -14.47 -1.95
C LEU A 357 -34.84 -13.00 -2.34
N ILE A 358 -34.00 -12.16 -1.73
CA ILE A 358 -34.26 -10.72 -1.75
C ILE A 358 -34.17 -10.16 -3.18
N PRO A 359 -33.20 -10.54 -4.02
CA PRO A 359 -33.10 -9.98 -5.38
C PRO A 359 -34.37 -10.26 -6.20
N GLN A 360 -35.01 -11.40 -5.94
CA GLN A 360 -36.24 -11.75 -6.62
C GLN A 360 -37.43 -10.96 -6.09
N LEU A 361 -37.54 -10.78 -4.76
CA LEU A 361 -38.55 -9.92 -4.17
C LEU A 361 -38.51 -8.55 -4.86
N HIS A 362 -37.28 -8.05 -5.07
CA HIS A 362 -37.02 -6.73 -5.64
C HIS A 362 -37.26 -6.66 -7.14
N ARG A 363 -37.62 -7.79 -7.79
CA ARG A 363 -38.04 -7.86 -9.20
C ARG A 363 -39.52 -8.28 -9.33
N ASP A 364 -40.28 -8.12 -8.24
CA ASP A 364 -41.70 -8.43 -8.29
C ASP A 364 -42.42 -7.40 -9.18
N LYS A 365 -42.88 -7.84 -10.36
CA LYS A 365 -43.40 -6.91 -11.35
C LYS A 365 -44.73 -6.35 -10.88
N THR A 366 -45.45 -7.09 -10.02
CA THR A 366 -46.73 -6.62 -9.50
C THR A 366 -46.52 -5.40 -8.61
N ILE A 367 -45.32 -5.24 -8.05
CA ILE A 367 -44.97 -4.10 -7.21
C ILE A 367 -44.31 -3.00 -8.03
N TRP A 368 -43.27 -3.34 -8.80
CA TRP A 368 -42.35 -2.36 -9.36
C TRP A 368 -42.72 -1.96 -10.79
N GLY A 369 -43.53 -2.78 -11.44
CA GLY A 369 -43.83 -2.59 -12.86
C GLY A 369 -42.99 -3.51 -13.72
N ASP A 370 -43.17 -3.47 -15.05
CA ASP A 370 -42.54 -4.46 -15.91
C ASP A 370 -41.05 -4.17 -16.13
N ASP A 371 -40.61 -2.92 -15.94
CA ASP A 371 -39.24 -2.51 -16.27
C ASP A 371 -38.29 -2.77 -15.10
N VAL A 372 -38.44 -3.93 -14.45
CA VAL A 372 -37.74 -4.20 -13.19
C VAL A 372 -36.22 -4.26 -13.34
N GLU A 373 -35.71 -4.52 -14.55
CA GLU A 373 -34.26 -4.62 -14.69
C GLU A 373 -33.55 -3.28 -14.93
N GLU A 374 -34.31 -2.20 -15.13
N GLU A 374 -34.30 -2.19 -15.08
CA GLU A 374 -33.75 -0.89 -15.42
CA GLU A 374 -33.72 -0.90 -15.45
C GLU A 374 -33.26 -0.24 -14.12
C GLU A 374 -33.35 -0.13 -14.18
N PHE A 375 -32.24 0.60 -14.26
CA PHE A 375 -31.69 1.35 -13.14
C PHE A 375 -32.34 2.74 -13.10
N ARG A 376 -33.29 2.92 -12.18
CA ARG A 376 -34.10 4.12 -12.11
C ARG A 376 -34.16 4.64 -10.67
N PRO A 377 -33.18 5.46 -10.23
CA PRO A 377 -33.21 6.00 -8.87
C PRO A 377 -34.52 6.68 -8.47
N GLU A 378 -35.26 7.15 -9.48
CA GLU A 378 -36.50 7.91 -9.26
C GLU A 378 -37.59 7.05 -8.62
N ARG A 379 -37.46 5.71 -8.68
CA ARG A 379 -38.32 4.80 -7.92
C ARG A 379 -38.38 5.21 -6.43
N PHE A 380 -37.27 5.76 -5.91
CA PHE A 380 -37.11 6.08 -4.49
C PHE A 380 -37.18 7.57 -4.20
N GLU A 381 -37.72 8.36 -5.12
CA GLU A 381 -37.88 9.79 -4.89
C GLU A 381 -38.64 10.02 -3.58
N ASN A 382 -39.71 9.25 -3.37
CA ASN A 382 -40.54 9.32 -2.17
C ASN A 382 -40.62 7.94 -1.52
N PRO A 383 -39.93 7.69 -0.38
CA PRO A 383 -39.97 6.36 0.23
C PRO A 383 -41.38 5.83 0.53
N SER A 384 -42.37 6.70 0.77
N SER A 384 -42.34 6.75 0.75
CA SER A 384 -43.66 6.19 1.22
CA SER A 384 -43.70 6.42 1.16
C SER A 384 -44.55 5.76 0.06
C SER A 384 -44.50 5.71 0.07
N ALA A 385 -44.05 5.83 -1.19
CA ALA A 385 -44.76 5.26 -2.34
C ALA A 385 -44.59 3.73 -2.40
N ILE A 386 -43.56 3.23 -1.73
CA ILE A 386 -43.19 1.82 -1.77
C ILE A 386 -44.12 1.04 -0.85
N PRO A 387 -44.87 0.02 -1.35
CA PRO A 387 -45.70 -0.80 -0.47
C PRO A 387 -44.93 -1.38 0.71
N GLN A 388 -45.68 -1.72 1.76
CA GLN A 388 -45.14 -2.40 2.92
C GLN A 388 -44.46 -3.70 2.48
N HIS A 389 -43.22 -3.93 2.95
CA HIS A 389 -42.52 -5.20 2.83
C HIS A 389 -42.06 -5.51 1.39
N ALA A 390 -42.06 -4.50 0.52
CA ALA A 390 -41.60 -4.66 -0.87
C ALA A 390 -40.08 -4.56 -1.01
N PHE A 391 -39.42 -3.89 -0.09
CA PHE A 391 -38.01 -3.55 -0.23
C PHE A 391 -37.29 -3.93 1.08
N LYS A 392 -36.44 -4.94 1.05
CA LYS A 392 -35.95 -5.57 2.26
C LYS A 392 -34.43 -5.79 2.21
N PRO A 393 -33.60 -4.88 1.68
CA PRO A 393 -32.16 -5.15 1.61
C PRO A 393 -31.51 -5.29 2.99
N PHE A 394 -32.17 -4.79 4.07
CA PHE A 394 -31.61 -4.82 5.44
C PHE A 394 -32.39 -5.75 6.36
N GLY A 395 -33.15 -6.68 5.75
CA GLY A 395 -33.86 -7.68 6.52
C GLY A 395 -35.18 -7.14 7.10
N ASN A 396 -35.61 -7.73 8.21
CA ASN A 396 -36.97 -7.53 8.69
C ASN A 396 -37.02 -7.42 10.22
N GLY A 397 -37.78 -6.44 10.71
CA GLY A 397 -38.20 -6.41 12.11
C GLY A 397 -37.06 -6.19 13.11
N GLN A 398 -37.18 -6.81 14.28
CA GLN A 398 -36.20 -6.65 15.34
C GLN A 398 -34.88 -7.33 14.92
N ARG A 399 -34.94 -8.26 13.94
CA ARG A 399 -33.74 -8.93 13.43
C ARG A 399 -33.23 -8.27 12.13
N ALA A 400 -33.63 -7.02 11.88
CA ALA A 400 -33.08 -6.27 10.78
C ALA A 400 -31.65 -5.85 11.08
N CYS A 401 -30.94 -5.45 10.00
CA CYS A 401 -29.56 -5.03 10.08
C CYS A 401 -29.38 -3.89 11.09
N ILE A 402 -28.58 -4.10 12.12
CA ILE A 402 -28.34 -3.00 13.07
C ILE A 402 -27.44 -1.93 12.43
N GLY A 403 -26.63 -2.32 11.43
CA GLY A 403 -25.67 -1.43 10.78
C GLY A 403 -26.22 -0.62 9.59
N GLN A 404 -27.54 -0.58 9.38
CA GLN A 404 -28.14 0.08 8.23
C GLN A 404 -27.74 1.55 8.15
N GLN A 405 -27.89 2.32 9.23
CA GLN A 405 -27.58 3.75 9.20
C GLN A 405 -26.09 4.00 9.01
N PHE A 406 -25.26 3.11 9.54
CA PHE A 406 -23.82 3.18 9.39
C PHE A 406 -23.42 2.95 7.93
N ALA A 407 -23.89 1.85 7.34
CA ALA A 407 -23.59 1.51 5.96
C ALA A 407 -24.06 2.61 5.00
N LEU A 408 -25.25 3.13 5.17
CA LEU A 408 -25.77 4.16 4.26
C LEU A 408 -25.05 5.50 4.47
N HIS A 409 -24.63 5.85 5.71
CA HIS A 409 -23.89 7.09 5.88
C HIS A 409 -22.52 7.02 5.21
N GLU A 410 -21.78 5.96 5.51
CA GLU A 410 -20.51 5.71 4.87
C GLU A 410 -20.65 5.72 3.34
N ALA A 411 -21.63 4.96 2.79
CA ALA A 411 -21.77 4.84 1.34
C ALA A 411 -22.11 6.19 0.70
N THR A 412 -22.95 6.97 1.37
CA THR A 412 -23.42 8.22 0.80
C THR A 412 -22.26 9.22 0.78
N LEU A 413 -21.47 9.21 1.86
CA LEU A 413 -20.33 10.11 1.99
C LEU A 413 -19.33 9.82 0.87
N VAL A 414 -18.97 8.56 0.75
CA VAL A 414 -17.93 8.11 -0.16
C VAL A 414 -18.34 8.32 -1.62
N LEU A 415 -19.59 7.91 -1.93
CA LEU A 415 -20.07 8.05 -3.31
C LEU A 415 -20.18 9.53 -3.66
N GLY A 416 -20.65 10.34 -2.72
CA GLY A 416 -20.69 11.78 -2.95
C GLY A 416 -19.30 12.36 -3.23
N MET A 417 -18.28 12.00 -2.41
CA MET A 417 -16.94 12.54 -2.62
C MET A 417 -16.35 12.04 -3.96
N MET A 418 -16.62 10.77 -4.32
CA MET A 418 -16.09 10.23 -5.56
C MET A 418 -16.66 11.03 -6.72
N LEU A 419 -17.98 11.33 -6.68
CA LEU A 419 -18.63 12.07 -7.75
C LEU A 419 -18.20 13.53 -7.81
N LYS A 420 -17.87 14.11 -6.67
CA LYS A 420 -17.37 15.49 -6.62
C LYS A 420 -16.00 15.60 -7.30
N HIS A 421 -15.14 14.63 -7.04
CA HIS A 421 -13.72 14.76 -7.31
C HIS A 421 -13.25 14.22 -8.68
N PHE A 422 -14.03 13.30 -9.29
CA PHE A 422 -13.60 12.63 -10.51
C PHE A 422 -14.76 12.52 -11.51
N ASP A 423 -14.39 12.49 -12.79
CA ASP A 423 -15.20 11.93 -13.87
C ASP A 423 -14.83 10.47 -14.05
N PHE A 424 -15.81 9.61 -14.33
CA PHE A 424 -15.57 8.19 -14.45
C PHE A 424 -15.76 7.71 -15.89
N GLU A 425 -14.94 6.72 -16.29
CA GLU A 425 -14.99 6.15 -17.64
C GLU A 425 -15.00 4.63 -17.52
N ASP A 426 -16.00 4.00 -18.15
CA ASP A 426 -16.03 2.56 -18.33
C ASP A 426 -15.22 2.23 -19.58
N HIS A 427 -13.88 2.22 -19.43
CA HIS A 427 -12.94 2.20 -20.54
C HIS A 427 -12.94 0.84 -21.20
N THR A 428 -13.30 -0.23 -20.48
CA THR A 428 -13.31 -1.59 -21.04
C THR A 428 -14.68 -2.06 -21.52
N ASN A 429 -15.72 -1.22 -21.36
CA ASN A 429 -17.11 -1.64 -21.56
C ASN A 429 -17.38 -2.91 -20.75
N TYR A 430 -17.19 -2.78 -19.44
CA TYR A 430 -17.20 -3.91 -18.52
C TYR A 430 -18.51 -4.71 -18.66
N GLU A 431 -18.35 -6.03 -18.73
CA GLU A 431 -19.47 -6.96 -18.73
C GLU A 431 -19.69 -7.47 -17.30
N LEU A 432 -20.84 -7.15 -16.71
CA LEU A 432 -21.17 -7.55 -15.33
C LEU A 432 -20.96 -9.05 -15.14
N ASP A 433 -20.15 -9.39 -14.16
CA ASP A 433 -19.89 -10.77 -13.72
C ASP A 433 -19.94 -10.77 -12.19
N ILE A 434 -20.98 -11.38 -11.61
CA ILE A 434 -21.21 -11.28 -10.19
C ILE A 434 -20.64 -12.52 -9.49
N LYS A 435 -19.56 -12.30 -8.75
CA LYS A 435 -18.95 -13.33 -7.92
C LYS A 435 -19.65 -13.41 -6.57
N GLU A 436 -19.84 -14.65 -6.08
CA GLU A 436 -20.60 -14.89 -4.88
C GLU A 436 -19.70 -15.50 -3.82
N THR A 437 -19.64 -14.83 -2.67
CA THR A 437 -19.00 -15.32 -1.45
C THR A 437 -20.12 -15.51 -0.43
N LEU A 438 -19.98 -14.94 0.78
CA LEU A 438 -21.12 -14.67 1.65
C LEU A 438 -22.04 -13.62 1.01
N THR A 439 -21.46 -12.78 0.16
CA THR A 439 -22.14 -11.63 -0.39
C THR A 439 -21.96 -11.62 -1.91
N LEU A 440 -22.44 -10.55 -2.57
CA LEU A 440 -22.26 -10.40 -4.02
C LEU A 440 -21.28 -9.26 -4.31
N LYS A 441 -20.59 -9.38 -5.44
CA LYS A 441 -19.76 -8.27 -5.92
C LYS A 441 -19.54 -8.40 -7.42
N PRO A 442 -19.35 -7.26 -8.12
CA PRO A 442 -19.04 -7.26 -9.56
C PRO A 442 -17.56 -7.50 -9.85
N GLU A 443 -17.21 -8.77 -10.05
CA GLU A 443 -15.83 -9.22 -10.14
C GLU A 443 -15.16 -8.65 -11.39
N GLY A 444 -13.95 -8.08 -11.22
CA GLY A 444 -13.17 -7.50 -12.32
C GLY A 444 -13.64 -6.12 -12.83
N PHE A 445 -14.54 -5.47 -12.11
CA PHE A 445 -15.02 -4.17 -12.51
C PHE A 445 -13.91 -3.15 -12.32
N VAL A 446 -13.56 -2.50 -13.44
CA VAL A 446 -12.51 -1.51 -13.54
C VAL A 446 -13.05 -0.27 -14.24
N VAL A 447 -12.54 0.89 -13.82
CA VAL A 447 -12.88 2.17 -14.41
C VAL A 447 -11.61 3.01 -14.46
N LYS A 448 -11.67 4.11 -15.20
CA LYS A 448 -10.66 5.16 -15.09
C LYS A 448 -11.31 6.38 -14.46
N ALA A 449 -10.54 7.11 -13.64
CA ALA A 449 -11.05 8.24 -12.89
C ALA A 449 -10.22 9.47 -13.24
N LYS A 450 -10.83 10.40 -13.99
CA LYS A 450 -10.16 11.63 -14.38
C LYS A 450 -10.47 12.70 -13.33
N SER A 451 -9.40 13.20 -12.71
CA SER A 451 -9.54 14.14 -11.62
C SER A 451 -10.16 15.43 -12.15
N LYS A 452 -11.07 16.02 -11.37
CA LYS A 452 -11.57 17.36 -11.64
C LYS A 452 -10.63 18.41 -11.00
N LYS A 453 -9.59 17.98 -10.28
CA LYS A 453 -8.59 18.86 -9.66
C LYS A 453 -9.27 19.81 -8.69
N ILE A 454 -10.07 19.25 -7.78
CA ILE A 454 -10.71 20.03 -6.74
C ILE A 454 -10.04 19.70 -5.43
N PRO A 455 -9.43 20.69 -4.73
CA PRO A 455 -8.68 20.45 -3.50
C PRO A 455 -9.51 19.85 -2.37
N LEU A 456 -8.83 18.97 -1.61
CA LEU A 456 -9.20 18.50 -0.29
C LEU A 456 -8.68 19.46 0.79
N LYS B 4 58.56 1.76 -3.85
CA LYS B 4 58.39 0.67 -2.87
C LYS B 4 57.49 -0.41 -3.48
N GLU B 5 57.63 -1.63 -2.94
CA GLU B 5 56.79 -2.75 -3.33
C GLU B 5 55.43 -2.57 -2.65
N MET B 6 54.38 -2.74 -3.43
CA MET B 6 53.03 -2.55 -2.93
C MET B 6 52.53 -3.85 -2.30
N PRO B 7 51.92 -3.81 -1.09
CA PRO B 7 51.28 -4.97 -0.45
C PRO B 7 50.15 -5.55 -1.29
N GLN B 8 49.90 -6.85 -1.12
CA GLN B 8 48.89 -7.56 -1.87
C GLN B 8 48.22 -8.56 -0.93
N PRO B 9 46.89 -8.76 -0.94
CA PRO B 9 46.26 -9.79 -0.12
C PRO B 9 46.44 -11.20 -0.66
N LYS B 10 45.99 -12.19 0.13
CA LYS B 10 46.20 -13.60 -0.19
C LYS B 10 45.67 -13.94 -1.58
N THR B 11 46.34 -14.92 -2.19
CA THR B 11 46.06 -15.33 -3.56
C THR B 11 45.59 -16.79 -3.55
N PHE B 12 44.95 -17.16 -4.68
CA PHE B 12 44.33 -18.45 -4.91
C PHE B 12 44.87 -19.06 -6.21
N GLY B 13 46.19 -19.27 -6.28
CA GLY B 13 46.82 -19.78 -7.49
C GLY B 13 46.50 -18.88 -8.68
N GLU B 14 45.91 -19.46 -9.74
CA GLU B 14 45.70 -18.71 -10.97
C GLU B 14 44.39 -17.91 -10.97
N LEU B 15 43.56 -18.02 -9.92
CA LEU B 15 42.47 -17.08 -9.71
C LEU B 15 42.94 -15.78 -9.06
N LYS B 16 44.21 -15.71 -8.63
CA LYS B 16 44.82 -14.53 -8.02
C LYS B 16 43.97 -14.09 -6.82
N ASN B 17 43.58 -12.80 -6.73
CA ASN B 17 42.79 -12.32 -5.62
C ASN B 17 41.27 -12.45 -5.85
N LEU B 18 40.79 -12.88 -7.02
CA LEU B 18 39.36 -12.74 -7.34
C LEU B 18 38.45 -13.42 -6.31
N PRO B 19 38.77 -14.63 -5.77
CA PRO B 19 37.89 -15.25 -4.77
C PRO B 19 37.61 -14.44 -3.50
N LEU B 20 38.44 -13.44 -3.22
CA LEU B 20 38.23 -12.56 -2.08
C LEU B 20 36.93 -11.77 -2.21
N LEU B 21 36.47 -11.58 -3.46
CA LEU B 21 35.24 -10.84 -3.68
C LEU B 21 34.09 -11.82 -3.90
N ASN B 22 34.35 -13.13 -3.74
CA ASN B 22 33.29 -14.13 -3.75
C ASN B 22 32.73 -14.26 -2.34
N THR B 23 31.96 -13.25 -1.96
CA THR B 23 31.46 -13.07 -0.63
C THR B 23 30.20 -12.21 -0.71
N ASP B 24 29.33 -12.34 0.29
CA ASP B 24 28.16 -11.50 0.42
C ASP B 24 28.53 -10.03 0.71
N LYS B 25 29.69 -9.73 1.32
CA LYS B 25 29.98 -8.37 1.77
C LYS B 25 31.37 -7.91 1.28
N PRO B 26 31.54 -7.65 -0.03
CA PRO B 26 32.86 -7.38 -0.60
C PRO B 26 33.49 -6.06 -0.13
N VAL B 27 32.70 -4.99 0.00
CA VAL B 27 33.26 -3.72 0.50
C VAL B 27 33.82 -3.89 1.92
N GLN B 28 33.05 -4.56 2.80
CA GLN B 28 33.51 -4.81 4.15
C GLN B 28 34.72 -5.75 4.13
N ALA B 29 34.77 -6.69 3.18
CA ALA B 29 35.97 -7.51 3.01
C ALA B 29 37.19 -6.66 2.65
N LEU B 30 37.02 -5.72 1.71
CA LEU B 30 38.09 -4.86 1.23
C LEU B 30 38.53 -3.88 2.33
N MET B 31 37.61 -3.49 3.22
CA MET B 31 37.94 -2.63 4.33
C MET B 31 38.87 -3.37 5.30
N LYS B 32 38.60 -4.65 5.53
CA LYS B 32 39.42 -5.48 6.42
C LYS B 32 40.81 -5.67 5.84
N ILE B 33 40.91 -5.88 4.53
CA ILE B 33 42.20 -6.00 3.87
C ILE B 33 42.96 -4.68 4.05
N ALA B 34 42.27 -3.54 3.86
CA ALA B 34 42.92 -2.26 4.03
C ALA B 34 43.43 -2.06 5.45
N ASP B 35 42.66 -2.49 6.46
CA ASP B 35 43.12 -2.43 7.84
C ASP B 35 44.43 -3.18 8.00
N GLU B 36 44.53 -4.33 7.34
CA GLU B 36 45.69 -5.19 7.49
C GLU B 36 46.89 -4.66 6.68
N LEU B 37 46.66 -4.13 5.48
CA LEU B 37 47.75 -3.87 4.55
C LEU B 37 48.09 -2.38 4.44
N GLY B 38 47.14 -1.50 4.74
CA GLY B 38 47.42 -0.08 4.83
C GLY B 38 46.85 0.71 3.64
N GLU B 39 47.47 1.84 3.34
CA GLU B 39 46.89 2.87 2.48
C GLU B 39 46.74 2.44 1.01
N ILE B 40 47.50 1.43 0.59
CA ILE B 40 47.42 0.97 -0.79
C ILE B 40 47.71 -0.52 -0.87
N PHE B 41 46.95 -1.22 -1.73
CA PHE B 41 47.21 -2.62 -2.02
C PHE B 41 46.78 -2.94 -3.43
N LYS B 42 47.56 -3.85 -4.05
CA LYS B 42 47.32 -4.36 -5.37
C LYS B 42 46.30 -5.49 -5.26
N PHE B 43 45.41 -5.52 -6.24
CA PHE B 43 44.41 -6.55 -6.35
C PHE B 43 44.40 -7.07 -7.79
N GLU B 44 44.62 -8.37 -7.98
CA GLU B 44 44.73 -8.97 -9.31
C GLU B 44 43.59 -9.97 -9.50
N ALA B 45 43.04 -10.01 -10.72
CA ALA B 45 42.16 -11.06 -11.18
C ALA B 45 42.69 -11.53 -12.52
N PRO B 46 42.30 -12.70 -13.06
CA PRO B 46 42.75 -13.05 -14.41
C PRO B 46 42.39 -11.92 -15.39
N GLY B 47 43.44 -11.31 -15.97
CA GLY B 47 43.35 -10.27 -16.98
C GLY B 47 43.08 -8.86 -16.44
N ARG B 48 43.16 -8.66 -15.12
CA ARG B 48 42.80 -7.37 -14.53
C ARG B 48 43.73 -7.09 -13.35
N VAL B 49 44.17 -5.82 -13.23
CA VAL B 49 44.83 -5.35 -12.02
C VAL B 49 44.24 -4.01 -11.61
N THR B 50 44.04 -3.83 -10.32
CA THR B 50 43.75 -2.52 -9.78
C THR B 50 44.47 -2.30 -8.45
N ARG B 51 44.47 -1.06 -7.97
CA ARG B 51 45.07 -0.73 -6.69
C ARG B 51 44.03 -0.01 -5.86
N TYR B 52 43.85 -0.48 -4.64
CA TYR B 52 42.86 0.06 -3.72
C TYR B 52 43.55 1.10 -2.85
N LEU B 53 43.03 2.33 -2.86
CA LEU B 53 43.54 3.41 -2.02
C LEU B 53 42.57 3.72 -0.88
N SER B 54 43.15 4.00 0.30
CA SER B 54 42.46 4.22 1.54
C SER B 54 42.93 5.47 2.29
N SER B 55 44.05 6.11 1.90
CA SER B 55 44.51 7.26 2.66
C SER B 55 44.19 8.56 1.94
N GLN B 56 43.97 9.62 2.73
CA GLN B 56 43.82 10.94 2.13
C GLN B 56 45.12 11.35 1.40
N ARG B 57 46.28 10.97 1.95
CA ARG B 57 47.58 11.37 1.40
C ARG B 57 47.68 10.93 -0.07
N LEU B 58 47.18 9.73 -0.38
CA LEU B 58 47.24 9.21 -1.74
C LEU B 58 46.02 9.61 -2.55
N ILE B 59 44.84 9.65 -1.91
CA ILE B 59 43.61 9.97 -2.62
C ILE B 59 43.58 11.44 -3.07
N LYS B 60 44.23 12.38 -2.35
CA LYS B 60 44.28 13.74 -2.88
C LYS B 60 45.06 13.85 -4.20
N GLU B 61 46.07 13.00 -4.41
CA GLU B 61 46.74 12.89 -5.71
C GLU B 61 45.84 12.24 -6.77
N ALA B 62 45.13 11.17 -6.40
CA ALA B 62 44.23 10.48 -7.32
C ALA B 62 43.11 11.41 -7.78
N CYS B 63 42.76 12.42 -6.98
CA CYS B 63 41.67 13.32 -7.31
C CYS B 63 42.08 14.53 -8.15
N ASP B 64 43.35 14.55 -8.55
CA ASP B 64 43.91 15.54 -9.46
C ASP B 64 43.46 15.21 -10.88
N GLU B 65 42.54 16.01 -11.43
CA GLU B 65 41.90 15.68 -12.68
C GLU B 65 42.83 15.87 -13.89
N SER B 66 43.99 16.52 -13.69
CA SER B 66 45.02 16.61 -14.73
C SER B 66 45.75 15.28 -14.84
N ARG B 67 45.69 14.48 -13.77
CA ARG B 67 46.48 13.24 -13.73
C ARG B 67 45.62 11.99 -13.89
N PHE B 68 44.38 12.03 -13.40
CA PHE B 68 43.49 10.86 -13.38
C PHE B 68 42.10 11.26 -13.81
N ASP B 69 41.39 10.37 -14.51
CA ASP B 69 40.02 10.54 -14.97
C ASP B 69 39.18 9.37 -14.50
N LYS B 70 37.86 9.52 -14.52
CA LYS B 70 36.99 8.45 -14.05
C LYS B 70 37.16 7.24 -14.96
N ASN B 71 37.32 6.06 -14.33
CA ASN B 71 37.24 4.79 -15.03
C ASN B 71 35.87 4.14 -14.75
N LEU B 72 35.38 3.33 -15.70
CA LEU B 72 34.28 2.41 -15.44
C LEU B 72 34.82 1.09 -14.87
N SER B 73 34.58 0.89 -13.57
CA SER B 73 34.83 -0.37 -12.90
C SER B 73 34.06 -1.48 -13.62
N GLN B 74 34.41 -2.75 -13.33
CA GLN B 74 33.69 -3.84 -13.95
C GLN B 74 32.19 -3.73 -13.66
N ALA B 75 31.83 -3.38 -12.41
CA ALA B 75 30.46 -3.18 -12.02
C ALA B 75 29.79 -2.14 -12.91
N LEU B 76 30.46 -1.00 -13.10
CA LEU B 76 29.89 0.05 -13.94
C LEU B 76 29.75 -0.39 -15.39
N LYS B 77 30.68 -1.19 -15.93
CA LYS B 77 30.58 -1.68 -17.30
C LYS B 77 29.34 -2.57 -17.49
N PHE B 78 29.01 -3.35 -16.46
CA PHE B 78 27.85 -4.22 -16.51
C PHE B 78 26.55 -3.41 -16.37
N VAL B 79 26.58 -2.37 -15.52
CA VAL B 79 25.44 -1.50 -15.34
C VAL B 79 25.16 -0.73 -16.64
N ARG B 80 26.19 -0.39 -17.40
CA ARG B 80 26.01 0.36 -18.64
C ARG B 80 25.13 -0.40 -19.62
N ASP B 81 24.97 -1.70 -19.41
CA ASP B 81 24.13 -2.50 -20.29
C ASP B 81 22.69 -2.03 -20.22
N PHE B 82 22.29 -1.37 -19.11
CA PHE B 82 20.95 -0.78 -19.04
C PHE B 82 20.94 0.72 -18.73
N ALA B 83 22.05 1.30 -18.24
CA ALA B 83 22.09 2.74 -17.99
C ALA B 83 22.78 3.50 -19.13
N GLY B 84 23.31 2.74 -20.10
CA GLY B 84 23.77 3.29 -21.36
C GLY B 84 24.85 4.36 -21.19
N ASP B 85 24.73 5.42 -21.98
CA ASP B 85 25.64 6.55 -21.91
C ASP B 85 24.99 7.69 -21.16
N GLY B 86 24.17 7.33 -20.17
CA GLY B 86 23.75 8.26 -19.14
C GLY B 86 24.97 8.76 -18.39
N LEU B 87 24.77 9.76 -17.53
CA LEU B 87 25.90 10.46 -16.95
C LEU B 87 26.78 9.54 -16.11
N PHE B 88 26.18 8.53 -15.43
CA PHE B 88 26.92 7.75 -14.45
C PHE B 88 27.83 6.72 -15.13
N THR B 89 27.41 6.19 -16.27
CA THR B 89 28.11 5.08 -16.93
C THR B 89 28.74 5.51 -18.24
N SER B 90 28.94 6.82 -18.42
CA SER B 90 29.59 7.35 -19.59
C SER B 90 31.03 7.70 -19.21
N TRP B 91 31.90 7.63 -20.21
CA TRP B 91 33.27 8.10 -20.13
C TRP B 91 33.27 9.61 -20.32
N THR B 92 34.19 10.29 -19.67
CA THR B 92 34.24 11.75 -19.70
C THR B 92 34.38 12.27 -21.12
N HIS B 93 35.07 11.49 -21.98
CA HIS B 93 35.38 11.93 -23.34
C HIS B 93 34.25 11.65 -24.34
N GLU B 94 33.17 10.96 -23.93
CA GLU B 94 32.02 10.76 -24.80
C GLU B 94 31.24 12.07 -24.93
N LYS B 95 30.82 12.35 -26.17
CA LYS B 95 30.09 13.56 -26.47
C LYS B 95 28.89 13.69 -25.54
N ASN B 96 28.15 12.60 -25.31
CA ASN B 96 26.91 12.65 -24.53
C ASN B 96 27.13 12.92 -23.04
N TRP B 97 28.36 12.65 -22.54
CA TRP B 97 28.69 13.00 -21.17
C TRP B 97 28.65 14.52 -21.03
N LYS B 98 29.48 15.21 -21.80
CA LYS B 98 29.61 16.64 -21.62
C LYS B 98 28.29 17.33 -21.94
N LYS B 99 27.62 16.94 -23.04
CA LYS B 99 26.34 17.53 -23.35
C LYS B 99 25.39 17.46 -22.14
N ALA B 100 25.26 16.29 -21.54
CA ALA B 100 24.21 16.07 -20.54
C ALA B 100 24.60 16.80 -19.26
N HIS B 101 25.91 16.78 -18.98
CA HIS B 101 26.47 17.49 -17.86
C HIS B 101 26.08 18.97 -17.92
N ASN B 102 26.32 19.58 -19.07
CA ASN B 102 26.11 21.00 -19.27
C ASN B 102 24.61 21.33 -19.18
N ILE B 103 23.76 20.43 -19.65
CA ILE B 103 22.34 20.66 -19.72
C ILE B 103 21.76 20.52 -18.31
N LEU B 104 22.22 19.50 -17.58
CA LEU B 104 21.54 19.09 -16.34
C LEU B 104 22.08 19.80 -15.10
N LEU B 105 23.34 20.23 -15.11
CA LEU B 105 24.00 20.72 -13.91
C LEU B 105 23.22 21.85 -13.26
N PRO B 106 22.77 22.88 -14.00
CA PRO B 106 21.98 23.95 -13.39
C PRO B 106 20.64 23.54 -12.77
N SER B 107 20.02 22.45 -13.28
CA SER B 107 18.76 21.92 -12.79
C SER B 107 18.90 21.03 -11.53
N PHE B 108 20.13 20.92 -11.03
CA PHE B 108 20.44 20.10 -9.87
C PHE B 108 21.18 20.95 -8.84
N SER B 109 21.16 22.28 -9.03
CA SER B 109 21.83 23.19 -8.14
C SER B 109 21.04 23.34 -6.85
N GLN B 110 21.71 23.92 -5.86
CA GLN B 110 21.06 24.24 -4.60
C GLN B 110 19.81 25.07 -4.85
N GLN B 111 19.94 26.09 -5.71
CA GLN B 111 18.83 26.98 -6.02
C GLN B 111 17.72 26.26 -6.79
N ALA B 112 18.03 25.24 -7.60
CA ALA B 112 16.96 24.55 -8.30
C ALA B 112 16.06 23.77 -7.35
N MET B 113 16.58 23.47 -6.15
CA MET B 113 15.82 22.68 -5.18
C MET B 113 14.58 23.45 -4.73
N LYS B 114 14.55 24.79 -4.88
CA LYS B 114 13.36 25.55 -4.52
C LYS B 114 12.16 25.05 -5.32
N GLY B 115 12.41 24.63 -6.56
CA GLY B 115 11.37 24.20 -7.47
C GLY B 115 10.92 22.75 -7.28
N TYR B 116 11.78 21.91 -6.68
CA TYR B 116 11.41 20.53 -6.38
C TYR B 116 10.80 20.40 -4.98
N HIS B 117 10.94 21.45 -4.16
CA HIS B 117 10.64 21.34 -2.73
C HIS B 117 9.21 20.85 -2.49
N ALA B 118 8.23 21.41 -3.23
CA ALA B 118 6.83 21.10 -3.02
C ALA B 118 6.55 19.62 -3.23
N MET B 119 7.14 18.98 -4.25
N MET B 119 7.18 19.04 -4.27
CA MET B 119 6.78 17.58 -4.47
CA MET B 119 7.01 17.65 -4.65
C MET B 119 7.66 16.68 -3.58
C MET B 119 7.65 16.73 -3.60
N MET B 120 8.79 17.18 -3.05
CA MET B 120 9.46 16.44 -1.99
C MET B 120 8.59 16.41 -0.74
N VAL B 121 7.93 17.54 -0.42
CA VAL B 121 7.05 17.59 0.73
C VAL B 121 5.87 16.64 0.55
N ASP B 122 5.34 16.54 -0.68
CA ASP B 122 4.27 15.61 -0.98
C ASP B 122 4.60 14.19 -0.50
N ILE B 123 5.78 13.68 -0.91
CA ILE B 123 6.19 12.33 -0.51
C ILE B 123 6.55 12.25 0.98
N ALA B 124 7.19 13.27 1.57
CA ALA B 124 7.56 13.27 2.98
C ALA B 124 6.32 13.19 3.86
N VAL B 125 5.28 13.94 3.49
CA VAL B 125 4.01 13.89 4.23
C VAL B 125 3.35 12.51 4.13
N GLN B 126 3.50 11.81 2.98
CA GLN B 126 2.98 10.46 2.89
C GLN B 126 3.68 9.55 3.90
N LEU B 127 5.00 9.70 4.05
CA LEU B 127 5.74 8.91 5.02
C LEU B 127 5.27 9.21 6.43
N VAL B 128 5.21 10.49 6.81
CA VAL B 128 4.75 10.85 8.14
C VAL B 128 3.33 10.30 8.40
N GLN B 129 2.42 10.43 7.43
CA GLN B 129 1.05 9.94 7.60
C GLN B 129 1.04 8.42 7.78
N LYS B 130 1.86 7.66 7.04
CA LYS B 130 1.89 6.23 7.26
C LYS B 130 2.23 5.93 8.72
N TRP B 131 3.30 6.57 9.22
CA TRP B 131 3.74 6.27 10.59
C TRP B 131 2.74 6.75 11.65
N GLU B 132 2.05 7.86 11.40
CA GLU B 132 1.00 8.36 12.28
C GLU B 132 -0.13 7.33 12.36
N ARG B 133 -0.29 6.51 11.33
CA ARG B 133 -1.43 5.60 11.23
C ARG B 133 -1.08 4.17 11.67
N LEU B 134 0.17 3.92 12.12
CA LEU B 134 0.53 2.64 12.72
C LEU B 134 -0.16 2.47 14.08
N ASN B 135 -0.58 1.24 14.38
CA ASN B 135 -1.19 0.94 15.67
C ASN B 135 -0.10 0.78 16.75
N ALA B 136 -0.55 0.83 18.01
CA ALA B 136 0.27 0.85 19.22
C ALA B 136 1.44 -0.13 19.17
N ASP B 137 1.14 -1.37 18.78
CA ASP B 137 2.07 -2.48 18.97
C ASP B 137 3.10 -2.55 17.83
N GLU B 138 2.76 -1.99 16.67
CA GLU B 138 3.54 -2.11 15.43
C GLU B 138 4.89 -1.40 15.42
N HIS B 139 5.71 -1.84 14.45
CA HIS B 139 7.06 -1.33 14.20
C HIS B 139 7.26 -0.91 12.73
N ILE B 140 8.36 -0.19 12.52
CA ILE B 140 8.76 0.37 11.23
C ILE B 140 9.90 -0.47 10.69
N GLU B 141 9.81 -0.87 9.42
CA GLU B 141 10.93 -1.46 8.70
C GLU B 141 11.65 -0.32 8.00
N VAL B 142 12.79 0.11 8.55
CA VAL B 142 13.33 1.42 8.23
C VAL B 142 13.83 1.49 6.78
N PRO B 143 14.77 0.64 6.28
CA PRO B 143 15.24 0.78 4.91
C PRO B 143 14.09 0.63 3.93
N GLU B 144 13.10 -0.20 4.25
CA GLU B 144 12.01 -0.44 3.32
C GLU B 144 11.24 0.84 3.11
N ASP B 145 10.94 1.56 4.20
CA ASP B 145 10.13 2.78 4.08
C ASP B 145 10.96 3.94 3.54
N MET B 146 12.24 4.00 3.93
CA MET B 146 13.14 5.01 3.37
C MET B 146 13.20 4.85 1.85
N THR B 147 13.16 3.61 1.31
CA THR B 147 13.25 3.37 -0.12
C THR B 147 11.95 3.77 -0.82
N ARG B 148 10.82 3.55 -0.14
CA ARG B 148 9.54 4.03 -0.64
C ARG B 148 9.59 5.54 -0.83
N LEU B 149 10.12 6.24 0.16
CA LEU B 149 10.21 7.69 0.08
C LEU B 149 11.15 8.12 -1.07
N THR B 150 12.37 7.54 -1.14
CA THR B 150 13.37 8.14 -2.00
C THR B 150 13.05 7.81 -3.46
N LEU B 151 12.51 6.62 -3.72
CA LEU B 151 12.14 6.26 -5.09
C LEU B 151 10.97 7.13 -5.57
N ASP B 152 9.98 7.35 -4.70
CA ASP B 152 8.83 8.12 -5.10
C ASP B 152 9.24 9.57 -5.34
N THR B 153 10.20 10.09 -4.55
CA THR B 153 10.61 11.47 -4.68
C THR B 153 11.31 11.70 -6.01
N ILE B 154 12.25 10.84 -6.39
CA ILE B 154 12.89 11.04 -7.70
C ILE B 154 11.91 10.76 -8.84
N GLY B 155 10.96 9.83 -8.70
CA GLY B 155 10.00 9.66 -9.77
C GLY B 155 9.20 10.95 -10.02
N LEU B 156 8.77 11.59 -8.95
CA LEU B 156 7.86 12.71 -9.05
C LEU B 156 8.63 13.95 -9.50
N CYS B 157 9.78 14.22 -8.86
CA CYS B 157 10.61 15.37 -9.22
C CYS B 157 11.32 15.12 -10.57
N GLY B 158 11.52 13.87 -10.91
CA GLY B 158 12.29 13.50 -12.09
C GLY B 158 11.46 13.56 -13.36
N PHE B 159 10.24 12.98 -13.33
CA PHE B 159 9.47 12.92 -14.56
C PHE B 159 7.97 12.90 -14.28
N ASN B 160 7.58 13.48 -13.14
CA ASN B 160 6.18 13.65 -12.77
C ASN B 160 5.46 12.30 -12.86
N TYR B 161 6.12 11.23 -12.38
CA TYR B 161 5.55 9.89 -12.37
C TYR B 161 5.41 9.45 -10.91
N ARG B 162 4.23 8.91 -10.57
CA ARG B 162 3.99 8.39 -9.21
C ARG B 162 4.12 6.87 -9.18
N PHE B 163 5.19 6.41 -8.52
CA PHE B 163 5.37 4.99 -8.26
C PHE B 163 4.40 4.49 -7.18
N ASN B 164 3.90 5.41 -6.34
CA ASN B 164 2.89 5.10 -5.32
C ASN B 164 3.34 3.96 -4.42
N SER B 165 4.58 4.08 -3.99
CA SER B 165 5.22 3.05 -3.19
C SER B 165 4.51 2.84 -1.84
N PHE B 166 3.92 3.90 -1.25
CA PHE B 166 3.28 3.76 0.05
C PHE B 166 1.92 3.06 -0.06
N TYR B 167 1.49 2.74 -1.30
CA TYR B 167 0.24 2.04 -1.58
C TYR B 167 0.51 0.56 -1.86
N ARG B 168 1.76 0.10 -1.72
CA ARG B 168 2.18 -1.21 -2.23
C ARG B 168 3.00 -1.97 -1.21
N ASP B 169 2.80 -3.30 -1.19
CA ASP B 169 3.73 -4.25 -0.60
C ASP B 169 4.73 -4.74 -1.66
N GLN B 170 4.19 -5.07 -2.84
CA GLN B 170 4.98 -5.57 -3.97
C GLN B 170 5.57 -4.36 -4.69
N PRO B 171 6.91 -4.25 -4.91
CA PRO B 171 7.45 -3.08 -5.61
C PRO B 171 6.88 -2.99 -7.03
N HIS B 172 6.96 -1.80 -7.62
CA HIS B 172 6.47 -1.55 -8.95
C HIS B 172 7.20 -2.43 -9.98
N PRO B 173 6.52 -2.94 -11.04
CA PRO B 173 7.17 -3.75 -12.08
C PRO B 173 8.55 -3.32 -12.56
N PHE B 174 8.69 -2.01 -12.81
CA PHE B 174 9.96 -1.42 -13.23
C PHE B 174 11.04 -1.65 -12.18
N ILE B 175 10.66 -1.48 -10.90
CA ILE B 175 11.56 -1.60 -9.77
C ILE B 175 12.03 -3.05 -9.65
N THR B 176 11.10 -4.01 -9.82
CA THR B 176 11.46 -5.42 -9.80
C THR B 176 12.57 -5.69 -10.82
N SER B 177 12.35 -5.23 -12.06
CA SER B 177 13.28 -5.42 -13.16
C SER B 177 14.62 -4.72 -12.88
N MET B 178 14.57 -3.48 -12.36
CA MET B 178 15.79 -2.73 -12.11
C MET B 178 16.64 -3.40 -11.02
N VAL B 179 15.98 -3.84 -9.93
CA VAL B 179 16.66 -4.54 -8.85
C VAL B 179 17.30 -5.82 -9.35
N ARG B 180 16.56 -6.63 -10.13
CA ARG B 180 17.08 -7.89 -10.68
C ARG B 180 18.20 -7.63 -11.70
N ALA B 181 18.09 -6.56 -12.51
CA ALA B 181 19.18 -6.14 -13.39
C ALA B 181 20.44 -5.79 -12.60
N LEU B 182 20.30 -4.98 -11.54
CA LEU B 182 21.42 -4.58 -10.69
C LEU B 182 22.10 -5.79 -10.06
N ASP B 183 21.32 -6.77 -9.62
CA ASP B 183 21.91 -7.95 -9.00
C ASP B 183 22.55 -8.85 -10.05
N GLU B 184 21.99 -8.90 -11.26
CA GLU B 184 22.64 -9.63 -12.34
C GLU B 184 24.01 -8.98 -12.63
N ALA B 185 24.06 -7.66 -12.75
CA ALA B 185 25.31 -6.94 -12.91
C ALA B 185 26.33 -7.27 -11.80
N MET B 186 25.91 -7.32 -10.52
CA MET B 186 26.87 -7.45 -9.42
C MET B 186 27.29 -8.91 -9.26
N ASN B 187 26.40 -9.84 -9.67
CA ASN B 187 26.68 -11.27 -9.60
C ASN B 187 27.70 -11.65 -10.67
N LYS B 188 27.69 -10.93 -11.80
CA LYS B 188 28.60 -11.23 -12.90
C LYS B 188 30.06 -10.99 -12.53
N LEU B 189 30.34 -10.21 -11.47
CA LEU B 189 31.70 -9.87 -11.07
C LEU B 189 32.51 -11.12 -10.72
N GLN B 190 31.85 -12.30 -10.63
CA GLN B 190 32.45 -13.51 -10.09
C GLN B 190 32.19 -14.72 -10.98
N ARG B 191 32.10 -14.52 -12.30
CA ARG B 191 31.48 -15.51 -13.18
C ARG B 191 32.43 -15.84 -14.32
N ALA B 192 33.25 -16.87 -14.10
CA ALA B 192 34.15 -17.40 -15.12
C ALA B 192 33.32 -18.01 -16.24
N ASN B 193 33.77 -17.76 -17.48
CA ASN B 193 33.10 -18.21 -18.70
C ASN B 193 31.60 -17.92 -18.60
N PRO B 194 31.17 -16.63 -18.63
CA PRO B 194 29.74 -16.30 -18.64
C PRO B 194 29.03 -16.61 -19.96
N ASP B 195 29.81 -17.08 -20.95
CA ASP B 195 29.33 -17.65 -22.20
C ASP B 195 28.82 -19.09 -22.00
N ASP B 196 29.19 -19.72 -20.88
CA ASP B 196 28.65 -21.01 -20.46
C ASP B 196 27.14 -21.06 -20.74
N PRO B 197 26.57 -22.12 -21.36
CA PRO B 197 25.11 -22.24 -21.50
C PRO B 197 24.36 -22.36 -20.19
N ALA B 198 25.10 -22.53 -19.07
CA ALA B 198 24.57 -22.48 -17.71
C ALA B 198 23.80 -21.18 -17.43
N TYR B 199 24.11 -20.12 -18.21
CA TYR B 199 23.62 -18.79 -17.94
C TYR B 199 22.68 -18.26 -19.03
N ASP B 200 22.14 -19.15 -19.88
CA ASP B 200 21.13 -18.76 -20.88
C ASP B 200 19.95 -18.05 -20.22
N GLU B 201 19.53 -18.58 -19.06
CA GLU B 201 18.36 -18.10 -18.35
C GLU B 201 18.66 -16.73 -17.75
N ASN B 202 19.84 -16.59 -17.14
CA ASN B 202 20.29 -15.32 -16.61
C ASN B 202 20.24 -14.22 -17.69
N LYS B 203 20.78 -14.53 -18.87
CA LYS B 203 20.86 -13.55 -19.95
C LYS B 203 19.48 -13.26 -20.51
N ARG B 204 18.64 -14.30 -20.64
CA ARG B 204 17.26 -14.14 -21.06
C ARG B 204 16.52 -13.22 -20.09
N GLN B 205 16.70 -13.46 -18.78
CA GLN B 205 16.08 -12.65 -17.73
C GLN B 205 16.59 -11.21 -17.79
N PHE B 206 17.89 -11.03 -18.03
CA PHE B 206 18.52 -9.71 -18.09
C PHE B 206 17.91 -8.89 -19.23
N GLN B 207 17.82 -9.48 -20.42
CA GLN B 207 17.20 -8.84 -21.58
C GLN B 207 15.74 -8.49 -21.29
N GLU B 208 15.03 -9.38 -20.58
CA GLU B 208 13.63 -9.13 -20.26
C GLU B 208 13.48 -7.89 -19.38
N ASP B 209 14.38 -7.74 -18.39
CA ASP B 209 14.34 -6.62 -17.46
C ASP B 209 14.77 -5.32 -18.13
N ILE B 210 15.74 -5.38 -19.06
CA ILE B 210 16.11 -4.20 -19.84
C ILE B 210 14.90 -3.73 -20.66
N LYS B 211 14.18 -4.65 -21.31
CA LYS B 211 13.01 -4.28 -22.11
C LYS B 211 11.92 -3.67 -21.24
N VAL B 212 11.77 -4.15 -20.00
CA VAL B 212 10.76 -3.63 -19.09
C VAL B 212 11.06 -2.16 -18.77
N MET B 213 12.34 -1.90 -18.47
CA MET B 213 12.76 -0.58 -18.02
C MET B 213 12.63 0.43 -19.17
N ASN B 214 13.10 0.01 -20.35
CA ASN B 214 13.07 0.85 -21.55
C ASN B 214 11.63 1.15 -21.96
N ASP B 215 10.74 0.16 -21.86
CA ASP B 215 9.40 0.34 -22.35
C ASP B 215 8.68 1.37 -21.50
N LEU B 216 8.84 1.30 -20.16
CA LEU B 216 8.15 2.28 -19.33
C LEU B 216 8.70 3.66 -19.60
N VAL B 217 10.04 3.81 -19.54
CA VAL B 217 10.65 5.12 -19.62
C VAL B 217 10.46 5.73 -21.02
N ASP B 218 10.60 4.95 -22.09
CA ASP B 218 10.36 5.45 -23.44
C ASP B 218 8.93 5.98 -23.60
N LYS B 219 7.96 5.27 -23.01
CA LYS B 219 6.54 5.65 -23.04
C LYS B 219 6.27 6.92 -22.26
N ILE B 220 6.89 7.06 -21.08
CA ILE B 220 6.79 8.29 -20.33
C ILE B 220 7.26 9.47 -21.18
N ILE B 221 8.41 9.31 -21.85
CA ILE B 221 8.97 10.41 -22.62
C ILE B 221 8.04 10.74 -23.80
N ALA B 222 7.67 9.70 -24.55
CA ALA B 222 6.76 9.84 -25.68
C ALA B 222 5.45 10.56 -25.27
N ASP B 223 4.82 10.15 -24.16
CA ASP B 223 3.58 10.76 -23.66
C ASP B 223 3.76 12.27 -23.40
N ARG B 224 4.90 12.66 -22.81
CA ARG B 224 5.15 14.06 -22.51
C ARG B 224 5.37 14.88 -23.79
N LYS B 225 6.11 14.31 -24.77
CA LYS B 225 6.37 15.01 -26.02
C LYS B 225 5.05 15.29 -26.73
N ALA B 226 4.20 14.26 -26.81
CA ALA B 226 2.89 14.33 -27.44
C ALA B 226 2.07 15.48 -26.86
N SER B 227 1.85 15.44 -25.54
CA SER B 227 0.90 16.29 -24.82
C SER B 227 1.33 17.74 -24.79
N GLY B 228 2.65 18.00 -24.87
CA GLY B 228 3.17 19.34 -24.82
C GLY B 228 3.24 19.91 -23.40
N GLU B 229 2.66 19.21 -22.40
CA GLU B 229 2.60 19.70 -21.03
C GLU B 229 4.01 20.04 -20.55
N GLN B 230 4.11 21.13 -19.74
CA GLN B 230 5.37 21.68 -19.29
C GLN B 230 5.33 21.79 -17.76
N SER B 231 6.26 21.09 -17.09
CA SER B 231 6.16 20.84 -15.66
C SER B 231 7.44 21.31 -14.94
N ASP B 232 7.43 21.18 -13.61
CA ASP B 232 8.57 21.56 -12.77
C ASP B 232 9.47 20.33 -12.56
N ASP B 233 9.79 19.60 -13.65
CA ASP B 233 10.52 18.35 -13.50
C ASP B 233 11.73 18.30 -14.44
N LEU B 234 12.60 17.33 -14.19
CA LEU B 234 13.82 17.18 -14.94
C LEU B 234 13.51 16.82 -16.39
N LEU B 235 12.42 16.06 -16.63
CA LEU B 235 12.08 15.65 -17.98
C LEU B 235 11.79 16.88 -18.84
N THR B 236 11.03 17.85 -18.30
CA THR B 236 10.65 19.03 -19.08
C THR B 236 11.91 19.70 -19.60
N HIS B 237 12.88 19.84 -18.68
CA HIS B 237 14.10 20.57 -18.91
C HIS B 237 14.95 19.80 -19.93
N MET B 238 14.91 18.45 -19.87
CA MET B 238 15.72 17.67 -20.79
C MET B 238 15.12 17.69 -22.20
N LEU B 239 13.79 17.82 -22.31
CA LEU B 239 13.15 17.86 -23.62
C LEU B 239 13.41 19.20 -24.30
N ASN B 240 13.51 20.26 -23.51
CA ASN B 240 13.56 21.62 -24.03
C ASN B 240 14.97 22.22 -24.02
N GLY B 241 15.87 21.71 -23.15
CA GLY B 241 17.13 22.38 -22.91
C GLY B 241 18.14 22.10 -24.01
N LYS B 242 19.04 23.07 -24.23
CA LYS B 242 20.12 22.98 -25.20
C LYS B 242 21.47 23.09 -24.51
N ASP B 243 22.45 22.28 -24.97
CA ASP B 243 23.82 22.39 -24.48
C ASP B 243 24.39 23.71 -24.97
N PRO B 244 24.78 24.65 -24.08
CA PRO B 244 25.40 25.90 -24.52
C PRO B 244 26.56 25.67 -25.49
N GLU B 245 27.34 24.60 -25.29
CA GLU B 245 28.59 24.40 -26.01
C GLU B 245 28.33 23.94 -27.46
N THR B 246 27.69 22.78 -27.65
CA THR B 246 27.40 22.24 -28.98
C THR B 246 26.17 22.91 -29.61
N GLY B 247 25.28 23.49 -28.79
CA GLY B 247 23.99 23.98 -29.22
C GLY B 247 22.93 22.90 -29.40
N GLU B 248 23.25 21.64 -29.06
CA GLU B 248 22.39 20.49 -29.29
C GLU B 248 21.63 20.12 -28.02
N PRO B 249 20.38 19.59 -28.16
CA PRO B 249 19.66 18.98 -27.04
C PRO B 249 20.05 17.51 -26.91
N LEU B 250 19.60 16.89 -25.80
CA LEU B 250 19.77 15.45 -25.67
C LEU B 250 18.77 14.76 -26.59
N ASP B 251 19.16 13.62 -27.14
CA ASP B 251 18.20 12.84 -27.90
C ASP B 251 17.42 11.94 -26.93
N ASP B 252 16.31 11.39 -27.43
CA ASP B 252 15.31 10.70 -26.64
C ASP B 252 15.89 9.41 -26.01
N GLU B 253 16.78 8.71 -26.71
CA GLU B 253 17.41 7.52 -26.15
C GLU B 253 18.27 7.91 -24.94
N ASN B 254 19.06 8.99 -25.07
CA ASN B 254 19.91 9.46 -23.97
C ASN B 254 19.04 9.94 -22.80
N ILE B 255 17.89 10.61 -23.06
CA ILE B 255 16.99 11.03 -22.00
C ILE B 255 16.53 9.80 -21.21
N ARG B 256 16.23 8.69 -21.88
CA ARG B 256 15.80 7.49 -21.17
C ARG B 256 16.93 7.00 -20.27
N TYR B 257 18.18 6.99 -20.80
CA TYR B 257 19.29 6.55 -19.98
C TYR B 257 19.45 7.42 -18.74
N GLN B 258 19.24 8.73 -18.88
CA GLN B 258 19.39 9.61 -17.73
C GLN B 258 18.31 9.30 -16.70
N ILE B 259 17.08 9.03 -17.14
CA ILE B 259 15.99 8.68 -16.22
C ILE B 259 16.25 7.36 -15.52
N ILE B 260 16.64 6.31 -16.24
CA ILE B 260 17.01 5.06 -15.60
C ILE B 260 18.11 5.31 -14.57
N THR B 261 19.11 6.15 -14.90
CA THR B 261 20.19 6.47 -13.98
C THR B 261 19.68 7.15 -12.71
N PHE B 262 18.83 8.18 -12.85
CA PHE B 262 18.31 8.85 -11.67
C PHE B 262 17.42 7.91 -10.84
N LEU B 263 16.76 6.92 -11.47
CA LEU B 263 15.95 5.97 -10.72
C LEU B 263 16.82 5.03 -9.91
N ILE B 264 17.97 4.60 -10.48
CA ILE B 264 18.93 3.77 -9.77
C ILE B 264 19.43 4.51 -8.53
N ALA B 265 19.83 5.78 -8.71
CA ALA B 265 20.47 6.52 -7.65
C ALA B 265 19.44 6.80 -6.56
N GLY B 266 18.21 7.14 -6.98
CA GLY B 266 17.19 7.60 -6.06
C GLY B 266 16.58 6.46 -5.24
N HIS B 267 16.95 5.22 -5.57
CA HIS B 267 16.59 4.05 -4.82
C HIS B 267 17.57 3.91 -3.64
N GLU B 268 18.15 2.73 -3.43
CA GLU B 268 18.73 2.43 -2.13
C GLU B 268 20.00 3.23 -1.85
N THR B 269 20.64 3.81 -2.87
CA THR B 269 21.81 4.66 -2.65
C THR B 269 21.43 5.86 -1.78
N THR B 270 20.26 6.45 -2.01
CA THR B 270 19.78 7.58 -1.23
C THR B 270 19.04 7.15 0.06
N SER B 271 18.20 6.11 0.00
CA SER B 271 17.52 5.67 1.20
C SER B 271 18.50 5.08 2.22
N GLY B 272 19.64 4.57 1.73
CA GLY B 272 20.70 4.12 2.63
C GLY B 272 21.16 5.20 3.61
N LEU B 273 21.33 6.44 3.10
CA LEU B 273 21.75 7.56 3.93
C LEU B 273 20.75 7.79 5.06
N LEU B 274 19.48 7.89 4.74
CA LEU B 274 18.42 8.03 5.72
C LEU B 274 18.40 6.88 6.74
N SER B 275 18.55 5.63 6.28
CA SER B 275 18.53 4.48 7.16
C SER B 275 19.71 4.47 8.13
N PHE B 276 20.94 4.73 7.66
CA PHE B 276 22.09 4.79 8.55
C PHE B 276 21.98 5.99 9.51
N ALA B 277 21.45 7.09 9.02
CA ALA B 277 21.33 8.26 9.89
C ALA B 277 20.42 7.95 11.07
N LEU B 278 19.25 7.35 10.79
CA LEU B 278 18.33 7.00 11.85
C LEU B 278 18.92 5.91 12.76
N TYR B 279 19.65 4.92 12.20
CA TYR B 279 20.41 3.95 12.99
C TYR B 279 21.32 4.65 14.01
N PHE B 280 22.16 5.58 13.53
CA PHE B 280 23.11 6.23 14.43
C PHE B 280 22.40 7.12 15.45
N LEU B 281 21.28 7.72 15.03
CA LEU B 281 20.56 8.55 16.00
C LEU B 281 20.03 7.71 17.16
N VAL B 282 19.38 6.57 16.88
CA VAL B 282 18.80 5.76 17.94
C VAL B 282 19.87 5.12 18.83
N LYS B 283 21.07 4.89 18.27
CA LYS B 283 22.21 4.40 19.05
C LYS B 283 22.93 5.50 19.83
N ASN B 284 22.58 6.77 19.64
CA ASN B 284 23.25 7.92 20.21
C ASN B 284 22.17 8.87 20.72
N PRO B 285 21.50 8.54 21.84
CA PRO B 285 20.40 9.37 22.37
C PRO B 285 20.66 10.87 22.59
N HIS B 286 21.89 11.26 22.94
CA HIS B 286 22.20 12.66 23.19
C HIS B 286 22.20 13.46 21.88
N VAL B 287 22.60 12.79 20.79
CA VAL B 287 22.57 13.37 19.45
C VAL B 287 21.13 13.45 18.95
N LEU B 288 20.36 12.37 19.10
CA LEU B 288 18.95 12.37 18.73
C LEU B 288 18.23 13.52 19.43
N GLN B 289 18.45 13.68 20.72
CA GLN B 289 17.83 14.77 21.45
C GLN B 289 18.20 16.12 20.84
N LYS B 290 19.50 16.32 20.49
CA LYS B 290 19.95 17.62 19.96
C LYS B 290 19.31 17.86 18.60
N ALA B 291 19.22 16.81 17.75
CA ALA B 291 18.62 16.94 16.44
C ALA B 291 17.10 17.17 16.55
N ALA B 292 16.45 16.51 17.51
CA ALA B 292 15.01 16.72 17.73
C ALA B 292 14.71 18.13 18.23
N GLU B 293 15.58 18.69 19.07
CA GLU B 293 15.38 20.03 19.56
C GLU B 293 15.53 21.05 18.43
N GLU B 294 16.49 20.83 17.53
CA GLU B 294 16.61 21.72 16.39
C GLU B 294 15.35 21.64 15.51
N ALA B 295 14.87 20.42 15.22
CA ALA B 295 13.69 20.26 14.38
C ALA B 295 12.47 21.00 14.95
N ALA B 296 12.24 20.90 16.28
CA ALA B 296 11.06 21.51 16.89
C ALA B 296 11.19 23.03 16.84
N ARG B 297 12.41 23.53 17.02
CA ARG B 297 12.69 24.96 17.02
C ARG B 297 12.47 25.59 15.64
N VAL B 298 12.91 24.90 14.58
CA VAL B 298 13.00 25.49 13.25
C VAL B 298 11.72 25.23 12.44
N LEU B 299 11.17 23.99 12.48
CA LEU B 299 10.03 23.60 11.65
C LEU B 299 8.72 23.99 12.34
N VAL B 300 8.46 25.30 12.37
CA VAL B 300 7.41 25.91 13.16
C VAL B 300 6.07 25.89 12.43
N ASP B 301 6.07 25.47 11.15
CA ASP B 301 4.86 25.43 10.35
C ASP B 301 4.46 23.99 10.08
N PRO B 302 3.18 23.71 9.71
CA PRO B 302 2.76 22.34 9.37
C PRO B 302 3.45 21.76 8.13
N VAL B 303 3.74 22.65 7.17
CA VAL B 303 4.42 22.35 5.92
C VAL B 303 5.80 23.01 6.02
N PRO B 304 6.93 22.28 6.03
CA PRO B 304 8.24 22.95 6.04
C PRO B 304 8.51 23.70 4.73
N SER B 305 9.10 24.91 4.86
CA SER B 305 9.55 25.69 3.71
C SER B 305 10.95 25.28 3.25
N TYR B 306 11.30 25.66 2.02
CA TYR B 306 12.66 25.46 1.52
C TYR B 306 13.67 26.09 2.47
N LYS B 307 13.40 27.34 2.92
CA LYS B 307 14.33 28.06 3.77
C LYS B 307 14.51 27.38 5.13
N GLN B 308 13.42 26.90 5.74
CA GLN B 308 13.49 26.19 7.01
C GLN B 308 14.38 24.95 6.90
N VAL B 309 14.30 24.25 5.76
CA VAL B 309 15.13 23.07 5.59
C VAL B 309 16.62 23.47 5.58
N LYS B 310 16.95 24.59 4.91
CA LYS B 310 18.31 25.12 4.89
C LYS B 310 18.82 25.51 6.29
N GLN B 311 17.91 25.77 7.23
CA GLN B 311 18.28 26.17 8.58
C GLN B 311 18.49 24.99 9.52
N LEU B 312 18.26 23.75 9.04
CA LEU B 312 18.44 22.56 9.87
C LEU B 312 19.92 22.15 9.88
N LYS B 313 20.75 22.99 10.51
CA LYS B 313 22.20 22.85 10.43
C LYS B 313 22.63 21.55 11.11
N TYR B 314 22.08 21.23 12.29
CA TYR B 314 22.52 20.03 13.02
C TYR B 314 22.03 18.78 12.30
N VAL B 315 20.84 18.82 11.74
CA VAL B 315 20.38 17.66 10.97
C VAL B 315 21.37 17.41 9.82
N GLY B 316 21.78 18.46 9.12
CA GLY B 316 22.78 18.33 8.07
C GLY B 316 24.11 17.76 8.58
N MET B 317 24.53 18.12 9.81
CA MET B 317 25.72 17.57 10.43
C MET B 317 25.57 16.08 10.69
N VAL B 318 24.37 15.68 11.12
CA VAL B 318 24.03 14.27 11.37
C VAL B 318 24.17 13.50 10.07
N LEU B 319 23.60 14.04 8.98
CA LEU B 319 23.65 13.39 7.67
C LEU B 319 25.09 13.26 7.19
N ASN B 320 25.92 14.28 7.31
CA ASN B 320 27.33 14.20 6.89
C ASN B 320 28.05 13.15 7.74
N GLU B 321 27.71 12.99 9.02
CA GLU B 321 28.44 12.05 9.87
C GLU B 321 28.05 10.62 9.51
N ALA B 322 26.78 10.39 9.10
CA ALA B 322 26.37 9.09 8.57
C ALA B 322 27.08 8.79 7.24
N LEU B 323 27.27 9.80 6.38
CA LEU B 323 28.03 9.65 5.13
C LEU B 323 29.49 9.33 5.40
N ARG B 324 30.05 9.89 6.47
CA ARG B 324 31.44 9.60 6.79
C ARG B 324 31.57 8.10 7.05
N LEU B 325 30.69 7.58 7.92
CA LEU B 325 30.90 6.24 8.47
C LEU B 325 30.46 5.17 7.48
N TRP B 326 29.35 5.39 6.77
CA TRP B 326 28.82 4.39 5.84
C TRP B 326 28.37 5.04 4.54
N PRO B 327 29.33 5.53 3.69
CA PRO B 327 28.97 6.15 2.41
C PRO B 327 28.27 5.09 1.59
N THR B 328 27.05 5.37 1.10
CA THR B 328 26.20 4.35 0.49
C THR B 328 26.63 4.01 -0.93
N ALA B 329 27.42 4.89 -1.57
CA ALA B 329 28.07 4.54 -2.82
C ALA B 329 29.56 4.42 -2.55
N PRO B 330 30.03 3.22 -2.12
CA PRO B 330 31.28 3.17 -1.37
C PRO B 330 32.62 3.17 -2.10
N ALA B 331 32.60 3.13 -3.44
CA ALA B 331 33.85 3.09 -4.18
C ALA B 331 33.63 3.80 -5.52
N PHE B 332 34.72 4.38 -6.01
CA PHE B 332 34.75 4.76 -7.41
C PHE B 332 36.13 4.48 -7.98
N SER B 333 36.21 4.46 -9.31
CA SER B 333 37.39 3.99 -10.03
C SER B 333 37.99 5.13 -10.85
N LEU B 334 39.32 5.10 -11.02
CA LEU B 334 40.04 6.08 -11.82
C LEU B 334 41.08 5.41 -12.70
N TYR B 335 41.52 6.09 -13.76
CA TYR B 335 42.66 5.62 -14.55
C TYR B 335 43.67 6.76 -14.76
N ALA B 336 44.96 6.37 -14.91
CA ALA B 336 46.05 7.32 -15.07
C ALA B 336 46.01 7.89 -16.49
N LYS B 337 45.94 9.21 -16.62
CA LYS B 337 45.87 9.83 -17.95
C LYS B 337 47.22 9.75 -18.64
N GLU B 338 48.29 9.71 -17.84
CA GLU B 338 49.67 9.67 -18.33
C GLU B 338 50.48 8.91 -17.29
N ASP B 339 51.72 8.53 -17.63
CA ASP B 339 52.61 7.95 -16.64
C ASP B 339 52.77 8.95 -15.49
N THR B 340 52.78 8.44 -14.26
CA THR B 340 52.78 9.29 -13.08
C THR B 340 53.20 8.49 -11.85
N VAL B 341 53.68 9.21 -10.84
CA VAL B 341 54.10 8.56 -9.63
C VAL B 341 53.20 9.02 -8.47
N LEU B 342 52.67 8.02 -7.77
CA LEU B 342 51.75 8.26 -6.68
C LEU B 342 52.54 8.27 -5.37
N GLY B 343 52.55 9.41 -4.70
CA GLY B 343 53.01 9.51 -3.33
C GLY B 343 54.54 9.43 -3.18
N GLY B 344 55.26 9.72 -4.26
CA GLY B 344 56.71 9.64 -4.28
C GLY B 344 57.24 8.22 -4.44
N GLU B 345 56.37 7.20 -4.39
CA GLU B 345 56.81 5.85 -4.12
C GLU B 345 56.30 4.80 -5.11
N TYR B 346 55.14 5.06 -5.74
CA TYR B 346 54.42 4.03 -6.50
C TYR B 346 54.23 4.47 -7.95
N PRO B 347 55.15 4.09 -8.87
CA PRO B 347 55.04 4.51 -10.26
C PRO B 347 53.87 3.82 -10.94
N LEU B 348 53.11 4.59 -11.71
CA LEU B 348 52.00 4.09 -12.49
C LEU B 348 52.19 4.44 -13.96
N GLU B 349 51.73 3.56 -14.84
CA GLU B 349 51.76 3.81 -16.26
C GLU B 349 50.38 4.29 -16.72
N LYS B 350 50.37 5.07 -17.80
CA LYS B 350 49.16 5.49 -18.48
C LYS B 350 48.19 4.32 -18.57
N GLY B 351 46.97 4.56 -18.12
CA GLY B 351 45.94 3.55 -18.22
C GLY B 351 45.82 2.70 -16.95
N ASP B 352 46.81 2.76 -16.03
CA ASP B 352 46.72 2.01 -14.78
C ASP B 352 45.51 2.47 -13.96
N GLU B 353 44.81 1.51 -13.34
CA GLU B 353 43.57 1.78 -12.62
C GLU B 353 43.79 1.87 -11.12
N LEU B 354 42.98 2.73 -10.49
CA LEU B 354 42.88 2.87 -9.04
C LEU B 354 41.42 2.65 -8.64
N MET B 355 41.20 2.17 -7.41
CA MET B 355 39.88 2.16 -6.79
C MET B 355 40.02 2.99 -5.51
N VAL B 356 39.09 3.93 -5.28
CA VAL B 356 39.05 4.66 -4.02
C VAL B 356 38.06 4.00 -3.08
N LEU B 357 38.55 3.55 -1.90
CA LEU B 357 37.69 2.89 -0.91
C LEU B 357 37.17 3.92 0.09
N ILE B 358 35.98 4.47 -0.19
CA ILE B 358 35.55 5.67 0.51
C ILE B 358 35.36 5.41 2.01
N PRO B 359 34.80 4.29 2.51
CA PRO B 359 34.64 4.11 3.96
C PRO B 359 35.98 4.08 4.70
N GLN B 360 37.02 3.56 4.04
CA GLN B 360 38.34 3.54 4.66
C GLN B 360 39.01 4.91 4.63
N LEU B 361 38.87 5.68 3.53
CA LEU B 361 39.32 7.06 3.48
C LEU B 361 38.77 7.81 4.69
N HIS B 362 37.48 7.59 4.97
CA HIS B 362 36.76 8.33 6.00
C HIS B 362 37.11 7.87 7.43
N ARG B 363 37.98 6.86 7.56
CA ARG B 363 38.52 6.39 8.83
C ARG B 363 40.03 6.67 8.92
N ASP B 364 40.54 7.62 8.11
CA ASP B 364 41.95 7.99 8.14
C ASP B 364 42.26 8.77 9.42
N LYS B 365 43.00 8.15 10.34
CA LYS B 365 43.16 8.74 11.67
C LYS B 365 43.98 10.02 11.59
N THR B 366 44.77 10.16 10.54
CA THR B 366 45.60 11.36 10.38
C THR B 366 44.71 12.57 10.10
N ILE B 367 43.51 12.36 9.52
CA ILE B 367 42.55 13.43 9.25
C ILE B 367 41.60 13.63 10.45
N TRP B 368 41.00 12.54 10.94
CA TRP B 368 39.82 12.61 11.81
C TRP B 368 40.15 12.47 13.31
N GLY B 369 41.38 12.03 13.65
CA GLY B 369 41.73 11.66 15.01
C GLY B 369 41.52 10.17 15.26
N ASP B 370 41.76 9.71 16.50
CA ASP B 370 41.73 8.28 16.77
C ASP B 370 40.30 7.76 16.89
N ASP B 371 39.36 8.64 17.26
CA ASP B 371 38.00 8.22 17.56
C ASP B 371 37.18 8.04 16.28
N VAL B 372 37.77 7.44 15.22
CA VAL B 372 37.17 7.43 13.88
C VAL B 372 35.86 6.64 13.86
N GLU B 373 35.69 5.73 14.83
CA GLU B 373 34.53 4.86 14.81
C GLU B 373 33.33 5.51 15.52
N GLU B 374 33.56 6.61 16.25
N GLU B 374 33.55 6.65 16.17
CA GLU B 374 32.50 7.26 17.00
CA GLU B 374 32.53 7.28 16.98
C GLU B 374 31.64 8.07 16.04
C GLU B 374 31.66 8.20 16.13
N PHE B 375 30.34 8.15 16.37
CA PHE B 375 29.41 9.03 15.66
C PHE B 375 29.36 10.38 16.38
N ARG B 376 29.93 11.40 15.74
CA ARG B 376 30.07 12.73 16.31
C ARG B 376 29.78 13.76 15.23
N PRO B 377 28.50 14.18 15.05
CA PRO B 377 28.17 15.20 14.07
C PRO B 377 28.97 16.50 14.20
N GLU B 378 29.44 16.79 15.42
CA GLU B 378 30.17 18.02 15.71
C GLU B 378 31.48 18.11 14.92
N ARG B 379 31.93 17.00 14.30
CA ARG B 379 33.07 17.03 13.38
C ARG B 379 32.82 17.99 12.19
N PHE B 380 31.53 18.18 11.86
CA PHE B 380 31.05 18.97 10.75
C PHE B 380 30.47 20.32 11.20
N GLU B 381 30.90 20.84 12.36
CA GLU B 381 30.48 22.15 12.84
C GLU B 381 30.75 23.22 11.78
N ASN B 382 31.97 23.16 11.22
CA ASN B 382 32.39 24.00 10.12
C ASN B 382 32.92 23.08 9.01
N PRO B 383 32.12 22.83 7.96
CA PRO B 383 32.47 21.79 6.99
C PRO B 383 33.70 22.22 6.19
N SER B 384 33.96 23.53 6.12
CA SER B 384 35.14 24.03 5.43
C SER B 384 36.44 23.68 6.16
N ALA B 385 36.37 23.26 7.43
CA ALA B 385 37.53 22.83 8.19
C ALA B 385 38.13 21.53 7.65
N ILE B 386 37.32 20.73 6.95
CA ILE B 386 37.77 19.45 6.42
C ILE B 386 38.74 19.66 5.26
N PRO B 387 39.94 19.01 5.27
CA PRO B 387 40.94 19.17 4.21
C PRO B 387 40.38 18.70 2.86
N GLN B 388 40.93 19.21 1.75
CA GLN B 388 40.52 18.77 0.43
C GLN B 388 40.73 17.27 0.28
N HIS B 389 39.70 16.61 -0.30
CA HIS B 389 39.76 15.19 -0.68
C HIS B 389 39.78 14.25 0.53
N ALA B 390 39.36 14.74 1.69
CA ALA B 390 39.27 13.93 2.90
C ALA B 390 37.89 13.28 3.04
N PHE B 391 36.87 13.95 2.48
CA PHE B 391 35.48 13.58 2.68
C PHE B 391 34.82 13.54 1.29
N LYS B 392 34.60 12.33 0.77
CA LYS B 392 34.28 12.19 -0.63
C LYS B 392 33.07 11.29 -0.84
N PRO B 393 31.96 11.39 -0.06
CA PRO B 393 30.83 10.50 -0.33
C PRO B 393 30.13 10.70 -1.66
N PHE B 394 30.38 11.86 -2.31
CA PHE B 394 29.76 12.19 -3.60
C PHE B 394 30.76 12.16 -4.76
N GLY B 395 31.91 11.50 -4.54
CA GLY B 395 32.94 11.38 -5.56
C GLY B 395 33.74 12.66 -5.79
N ASN B 396 34.26 12.82 -7.01
CA ASN B 396 35.31 13.81 -7.25
C ASN B 396 35.09 14.65 -8.51
N GLY B 397 35.35 15.96 -8.38
CA GLY B 397 35.52 16.89 -9.50
C GLY B 397 34.33 16.92 -10.46
N GLN B 398 34.60 16.92 -11.77
CA GLN B 398 33.55 17.07 -12.76
C GLN B 398 32.72 15.79 -12.86
N ARG B 399 33.27 14.68 -12.35
CA ARG B 399 32.52 13.43 -12.29
C ARG B 399 31.92 13.20 -10.89
N ALA B 400 31.76 14.25 -10.09
CA ALA B 400 31.07 14.12 -8.81
C ALA B 400 29.56 13.93 -9.06
N CYS B 401 28.90 13.45 -7.98
CA CYS B 401 27.46 13.21 -7.98
C CYS B 401 26.68 14.44 -8.42
N ILE B 402 25.91 14.34 -9.51
CA ILE B 402 25.11 15.48 -9.91
C ILE B 402 23.97 15.70 -8.90
N GLY B 403 23.53 14.60 -8.26
CA GLY B 403 22.36 14.61 -7.39
C GLY B 403 22.65 14.98 -5.93
N GLN B 404 23.87 15.42 -5.61
CA GLN B 404 24.23 15.71 -4.23
C GLN B 404 23.26 16.67 -3.54
N GLN B 405 23.02 17.86 -4.09
CA GLN B 405 22.11 18.81 -3.47
C GLN B 405 20.67 18.26 -3.40
N PHE B 406 20.23 17.49 -4.38
CA PHE B 406 18.91 16.86 -4.33
C PHE B 406 18.82 15.87 -3.16
N ALA B 407 19.80 14.97 -3.06
CA ALA B 407 19.80 13.95 -2.04
C ALA B 407 19.84 14.57 -0.65
N LEU B 408 20.70 15.58 -0.46
CA LEU B 408 20.82 16.21 0.86
C LEU B 408 19.58 17.05 1.20
N HIS B 409 18.96 17.70 0.21
CA HIS B 409 17.73 18.44 0.51
C HIS B 409 16.60 17.50 0.95
N GLU B 410 16.31 16.48 0.14
CA GLU B 410 15.36 15.43 0.48
C GLU B 410 15.65 14.82 1.87
N ALA B 411 16.90 14.43 2.15
CA ALA B 411 17.20 13.72 3.39
C ALA B 411 17.02 14.66 4.57
N THR B 412 17.35 15.94 4.37
CA THR B 412 17.27 16.91 5.47
C THR B 412 15.80 17.21 5.79
N LEU B 413 14.98 17.42 4.76
CA LEU B 413 13.54 17.66 4.90
C LEU B 413 12.89 16.49 5.65
N VAL B 414 13.14 15.28 5.17
CA VAL B 414 12.48 14.09 5.68
C VAL B 414 12.92 13.81 7.12
N LEU B 415 14.23 13.84 7.38
CA LEU B 415 14.70 13.54 8.72
C LEU B 415 14.21 14.60 9.70
N GLY B 416 14.19 15.87 9.25
CA GLY B 416 13.70 16.94 10.10
C GLY B 416 12.23 16.70 10.48
N MET B 417 11.41 16.28 9.50
CA MET B 417 10.02 15.99 9.77
C MET B 417 9.86 14.77 10.71
N MET B 418 10.65 13.71 10.52
CA MET B 418 10.61 12.55 11.41
C MET B 418 10.90 12.95 12.85
N LEU B 419 11.98 13.75 13.04
CA LEU B 419 12.40 14.22 14.36
C LEU B 419 11.37 15.18 14.98
N LYS B 420 10.67 15.98 14.16
CA LYS B 420 9.61 16.85 14.68
C LYS B 420 8.42 16.04 15.20
N HIS B 421 8.05 14.99 14.46
CA HIS B 421 6.74 14.33 14.61
C HIS B 421 6.73 13.08 15.50
N PHE B 422 7.89 12.43 15.76
CA PHE B 422 7.93 11.17 16.49
C PHE B 422 9.09 11.10 17.48
N ASP B 423 8.90 10.37 18.59
CA ASP B 423 10.01 9.79 19.34
C ASP B 423 10.30 8.38 18.82
N PHE B 424 11.58 8.02 18.77
CA PHE B 424 12.00 6.74 18.25
C PHE B 424 12.52 5.83 19.37
N GLU B 425 12.26 4.53 19.22
CA GLU B 425 12.76 3.52 20.12
C GLU B 425 13.40 2.38 19.31
N ASP B 426 14.64 2.08 19.69
CA ASP B 426 15.37 0.90 19.25
C ASP B 426 14.96 -0.29 20.12
N HIS B 427 13.75 -0.81 19.87
CA HIS B 427 13.09 -1.75 20.76
C HIS B 427 13.73 -3.13 20.73
N THR B 428 14.40 -3.46 19.64
CA THR B 428 15.02 -4.78 19.51
C THR B 428 16.51 -4.77 19.89
N ASN B 429 17.06 -3.60 20.27
CA ASN B 429 18.51 -3.45 20.41
C ASN B 429 19.22 -4.00 19.17
N TYR B 430 18.85 -3.43 18.02
CA TYR B 430 19.27 -3.91 16.72
C TYR B 430 20.80 -3.97 16.62
N GLU B 431 21.30 -5.11 16.13
CA GLU B 431 22.71 -5.33 15.84
C GLU B 431 22.98 -5.05 14.36
N LEU B 432 23.81 -4.03 14.12
CA LEU B 432 24.07 -3.60 12.75
C LEU B 432 24.53 -4.79 11.91
N ASP B 433 23.85 -4.98 10.78
CA ASP B 433 24.22 -5.97 9.78
C ASP B 433 24.08 -5.32 8.40
N ILE B 434 25.23 -5.02 7.76
CA ILE B 434 25.22 -4.19 6.56
C ILE B 434 25.13 -5.09 5.34
N LYS B 435 24.00 -5.03 4.65
CA LYS B 435 23.83 -5.77 3.42
C LYS B 435 24.39 -4.96 2.25
N GLU B 436 25.00 -5.68 1.31
CA GLU B 436 25.62 -5.07 0.15
C GLU B 436 25.01 -5.53 -1.17
N THR B 437 24.66 -4.54 -1.97
CA THR B 437 24.24 -4.66 -3.38
C THR B 437 25.16 -3.75 -4.18
N LEU B 438 24.59 -2.89 -5.04
CA LEU B 438 25.30 -1.73 -5.59
C LEU B 438 25.72 -0.79 -4.44
N THR B 439 25.00 -0.88 -3.33
CA THR B 439 25.08 0.07 -2.23
C THR B 439 25.05 -0.70 -0.91
N LEU B 440 25.00 0.05 0.20
CA LEU B 440 25.00 -0.48 1.56
C LEU B 440 23.68 -0.11 2.24
N LYS B 441 23.10 -1.05 3.00
CA LYS B 441 21.96 -0.73 3.86
C LYS B 441 22.08 -1.50 5.17
N PRO B 442 21.52 -0.97 6.28
CA PRO B 442 21.38 -1.75 7.51
C PRO B 442 20.20 -2.73 7.47
N GLU B 443 20.47 -3.98 7.05
CA GLU B 443 19.42 -4.98 6.85
C GLU B 443 18.76 -5.35 8.17
N GLY B 444 17.42 -5.43 8.16
CA GLY B 444 16.66 -5.82 9.33
C GLY B 444 16.49 -4.68 10.34
N PHE B 445 16.89 -3.45 10.01
CA PHE B 445 16.80 -2.37 10.97
C PHE B 445 15.34 -1.99 11.16
N VAL B 446 14.90 -2.05 12.42
CA VAL B 446 13.51 -1.80 12.79
C VAL B 446 13.49 -0.89 14.01
N VAL B 447 12.43 -0.06 14.07
CA VAL B 447 12.21 0.84 15.19
C VAL B 447 10.72 0.93 15.46
N LYS B 448 10.41 1.53 16.62
CA LYS B 448 9.08 2.00 16.93
C LYS B 448 9.09 3.53 16.99
N ALA B 449 8.00 4.13 16.51
CA ALA B 449 7.85 5.57 16.44
C ALA B 449 6.59 5.98 17.19
N LYS B 450 6.77 6.71 18.30
N LYS B 450 6.72 6.63 18.36
CA LYS B 450 5.67 7.20 19.12
CA LYS B 450 5.50 7.08 19.05
C LYS B 450 5.30 8.61 18.68
C LYS B 450 5.27 8.55 18.71
N SER B 451 4.05 8.85 18.25
CA SER B 451 3.70 10.15 17.71
C SER B 451 3.71 11.19 18.82
N LYS B 452 4.27 12.37 18.52
CA LYS B 452 4.15 13.54 19.38
C LYS B 452 2.81 14.25 19.18
N LYS B 453 1.94 13.72 18.30
CA LYS B 453 0.62 14.28 17.97
C LYS B 453 0.72 15.77 17.64
N ILE B 454 1.60 16.08 16.68
CA ILE B 454 1.71 17.41 16.12
C ILE B 454 1.05 17.39 14.74
N PRO B 455 0.04 18.24 14.47
CA PRO B 455 -0.69 18.16 13.20
C PRO B 455 0.18 18.56 12.00
N LEU B 456 -0.16 17.94 10.87
CA LEU B 456 0.29 18.37 9.54
C LEU B 456 -0.75 19.34 8.98
#